data_4YF1
#
_entry.id   4YF1
#
_cell.length_a   87.811
_cell.length_b   58.675
_cell.length_c   95.730
_cell.angle_alpha   90.00
_cell.angle_beta   114.31
_cell.angle_gamma   90.00
#
_symmetry.space_group_name_H-M   'P 1 21 1'
#
loop_
_entity.id
_entity.type
_entity.pdbx_description
1 polymer 'Lmo0812 protein'
2 non-polymer 'SODIUM ION'
3 non-polymer 'CITRATE ANION'
4 water water
#
_entity_poly.entity_id   1
_entity_poly.type   'polypeptide(L)'
_entity_poly.pdbx_seq_one_letter_code
;(MSE)HHHHHH(MSE)YEKARQ(MSE)(MSE)IEAHSGQVRKITGEPYFSHPLNVARILRRAGFREEVVVAGLLHDAVED
TE(MSE)TDADIRATFGDEVADLVASHTENKTLSWEERKAHTIEQVRTGNLEEKALIVADKLDNLTSVKYALSSEGKSVW
SYFKRGYDLQKWYNQGIKNN(MSE)EYGLNPSEIPPFFDEYARLVKWIFKK
;
_entity_poly.pdbx_strand_id   A,B,C,D
#
loop_
_chem_comp.id
_chem_comp.type
_chem_comp.name
_chem_comp.formula
FLC non-polymer 'CITRATE ANION' 'C6 H5 O7 -3'
NA non-polymer 'SODIUM ION' 'Na 1'
#
# COMPACT_ATOMS: atom_id res chain seq x y z
N THR A 28 -4.83 13.57 14.82
N THR A 28 -4.67 14.05 14.45
CA THR A 28 -3.99 14.37 15.79
CA THR A 28 -3.95 14.51 15.68
C THR A 28 -4.75 15.59 16.31
C THR A 28 -4.71 15.68 16.30
N GLY A 29 -4.78 15.73 17.62
CA GLY A 29 -5.52 16.77 18.32
C GLY A 29 -4.82 18.05 18.72
N GLU A 30 -5.33 18.63 19.80
CA GLU A 30 -4.91 19.92 20.26
C GLU A 30 -3.48 19.90 20.83
N PRO A 31 -2.79 21.03 20.81
CA PRO A 31 -3.28 22.34 20.38
C PRO A 31 -3.04 22.70 18.91
N TYR A 32 -2.16 22.00 18.21
CA TYR A 32 -1.85 22.36 16.82
C TYR A 32 -2.49 21.53 15.71
N PHE A 33 -3.14 20.43 16.06
CA PHE A 33 -3.83 19.58 15.06
C PHE A 33 -2.91 19.13 13.94
N SER A 34 -1.71 18.79 14.36
CA SER A 34 -0.64 18.36 13.50
C SER A 34 0.37 17.66 14.40
N HIS A 35 0.72 16.43 14.06
CA HIS A 35 1.67 15.65 14.85
C HIS A 35 3.04 16.36 14.99
N PRO A 36 3.64 16.84 13.88
CA PRO A 36 4.94 17.51 14.01
C PRO A 36 4.91 18.76 14.90
N LEU A 37 3.88 19.60 14.78
CA LEU A 37 3.77 20.78 15.61
CA LEU A 37 3.80 20.79 15.62
C LEU A 37 3.58 20.42 17.09
N ASN A 38 2.76 19.40 17.35
CA ASN A 38 2.55 18.96 18.74
C ASN A 38 3.79 18.33 19.37
N VAL A 39 4.54 17.57 18.59
CA VAL A 39 5.78 16.95 19.09
C VAL A 39 6.79 18.09 19.35
N ALA A 40 6.86 19.05 18.44
CA ALA A 40 7.81 20.21 18.63
C ALA A 40 7.48 20.98 19.92
N ARG A 41 6.19 21.16 20.21
CA ARG A 41 5.76 21.79 21.45
C ARG A 41 6.18 21.04 22.70
N ILE A 42 5.99 19.72 22.71
CA ILE A 42 6.42 18.90 23.84
C ILE A 42 7.93 19.08 24.08
N LEU A 43 8.70 19.04 23.02
CA LEU A 43 10.16 19.19 23.15
C LEU A 43 10.59 20.60 23.62
N ARG A 44 9.92 21.62 23.09
CA ARG A 44 10.24 23.03 23.43
C ARG A 44 9.91 23.26 24.88
N ARG A 45 8.75 22.79 25.31
CA ARG A 45 8.34 22.97 26.68
C ARG A 45 9.23 22.23 27.66
N ALA A 46 9.93 21.20 27.20
CA ALA A 46 10.81 20.41 28.07
C ALA A 46 12.19 21.09 28.14
N GLY A 47 12.39 22.17 27.42
CA GLY A 47 13.71 22.90 27.50
C GLY A 47 14.71 22.53 26.42
N PHE A 48 14.35 21.66 25.47
CA PHE A 48 15.33 21.24 24.45
C PHE A 48 15.67 22.34 23.47
N ARG A 49 16.92 22.33 23.00
CA ARG A 49 17.39 23.33 22.07
C ARG A 49 16.69 23.24 20.73
N GLU A 50 16.83 24.29 19.95
CA GLU A 50 16.17 24.42 18.65
C GLU A 50 16.44 23.26 17.68
N GLU A 51 17.71 22.82 17.61
CA GLU A 51 18.04 21.70 16.73
C GLU A 51 17.19 20.44 17.04
N VAL A 52 16.94 20.21 18.33
CA VAL A 52 16.16 19.05 18.77
C VAL A 52 14.69 19.24 18.42
N VAL A 53 14.16 20.44 18.68
CA VAL A 53 12.78 20.75 18.36
C VAL A 53 12.50 20.54 16.87
N VAL A 54 13.40 21.05 16.04
CA VAL A 54 13.26 20.94 14.59
C VAL A 54 13.39 19.51 14.12
N ALA A 55 14.29 18.73 14.74
CA ALA A 55 14.41 17.32 14.37
C ALA A 55 13.08 16.63 14.65
N GLY A 56 12.42 17.01 15.76
CA GLY A 56 11.10 16.40 16.07
C GLY A 56 10.06 16.77 15.03
N LEU A 57 10.11 18.02 14.62
CA LEU A 57 9.22 18.55 13.60
C LEU A 57 9.38 17.82 12.23
N LEU A 58 10.63 17.49 11.87
CA LEU A 58 10.92 16.89 10.55
C LEU A 58 10.75 15.37 10.46
N HIS A 59 10.54 14.70 11.59
CA HIS A 59 10.39 13.24 11.57
C HIS A 59 9.37 12.74 10.54
N ASP A 60 8.14 13.25 10.59
CA ASP A 60 7.08 12.82 9.62
C ASP A 60 7.38 13.20 8.18
N ALA A 61 8.11 14.31 7.98
CA ALA A 61 8.46 14.76 6.64
C ALA A 61 9.34 13.73 5.93
N VAL A 62 10.28 13.15 6.68
CA VAL A 62 11.18 12.14 6.10
C VAL A 62 10.46 10.81 5.91
N GLU A 63 9.76 10.35 6.94
CA GLU A 63 9.05 9.06 6.85
C GLU A 63 7.81 9.04 5.93
N ASP A 64 7.06 10.14 5.88
CA ASP A 64 5.80 10.18 5.10
C ASP A 64 5.85 10.86 3.74
N THR A 65 6.95 11.55 3.41
CA THR A 65 7.07 12.21 2.10
C THR A 65 8.38 11.79 1.44
N GLU A 66 8.57 12.23 0.20
CA GLU A 66 9.79 11.88 -0.54
C GLU A 66 11.02 12.65 -0.07
N MSE A 67 10.87 13.56 0.88
CA MSE A 67 12.02 14.28 1.44
C MSE A 67 12.95 13.22 2.01
O MSE A 67 12.50 12.23 2.62
CB MSE A 67 11.59 15.29 2.49
CG MSE A 67 12.76 16.13 2.99
SE MSE A 67 12.12 17.54 4.23
CE MSE A 67 13.41 18.92 3.67
N THR A 68 14.26 13.44 1.84
CA THR A 68 15.28 12.48 2.27
C THR A 68 16.27 13.06 3.27
N ASP A 69 17.14 12.17 3.77
CA ASP A 69 18.23 12.56 4.66
C ASP A 69 19.12 13.63 4.00
N ALA A 70 19.42 13.45 2.72
CA ALA A 70 20.26 14.39 1.98
C ALA A 70 19.63 15.78 1.87
N ASP A 71 18.30 15.83 1.67
CA ASP A 71 17.56 17.10 1.64
C ASP A 71 17.67 17.82 2.99
N ILE A 72 17.49 17.09 4.10
CA ILE A 72 17.62 17.71 5.43
C ILE A 72 19.03 18.27 5.67
N ARG A 73 20.06 17.51 5.29
CA ARG A 73 21.45 17.97 5.47
C ARG A 73 21.73 19.22 4.71
N ALA A 74 21.28 19.28 3.45
CA ALA A 74 21.52 20.44 2.58
C ALA A 74 20.86 21.71 3.10
N THR A 75 19.64 21.59 3.62
CA THR A 75 18.89 22.77 4.11
C THR A 75 19.09 23.13 5.59
N PHE A 76 19.06 22.12 6.47
CA PHE A 76 19.17 22.33 7.93
C PHE A 76 20.51 21.98 8.56
N GLY A 77 21.40 21.33 7.83
CA GLY A 77 22.72 20.96 8.33
C GLY A 77 22.80 19.56 8.91
N ASP A 78 24.02 19.15 9.19
CA ASP A 78 24.31 17.82 9.71
C ASP A 78 23.76 17.51 11.11
N GLU A 79 23.80 18.47 12.05
CA GLU A 79 23.32 18.24 13.40
C GLU A 79 21.85 17.85 13.41
N VAL A 80 21.01 18.65 12.76
CA VAL A 80 19.58 18.32 12.65
C VAL A 80 19.39 17.00 11.86
N ALA A 81 20.13 16.84 10.75
CA ALA A 81 20.01 15.62 9.94
C ALA A 81 20.32 14.37 10.77
N ASP A 82 21.36 14.46 11.59
CA ASP A 82 21.74 13.34 12.45
C ASP A 82 20.72 13.04 13.53
N LEU A 83 20.12 14.08 14.09
CA LEU A 83 19.10 13.88 15.11
C LEU A 83 17.88 13.17 14.46
N VAL A 84 17.51 13.63 13.28
CA VAL A 84 16.40 13.04 12.54
C VAL A 84 16.66 11.58 12.21
N ALA A 85 17.85 11.30 11.68
CA ALA A 85 18.22 9.93 11.31
C ALA A 85 18.22 9.00 12.50
N SER A 86 18.51 9.51 13.70
CA SER A 86 18.56 8.65 14.89
C SER A 86 17.23 7.91 15.18
N HIS A 87 16.09 8.48 14.78
N HIS A 87 16.11 8.58 14.84
CA HIS A 87 14.77 7.85 15.05
CA HIS A 87 14.76 8.05 15.04
C HIS A 87 13.96 7.44 13.82
C HIS A 87 13.91 7.89 13.76
N THR A 88 14.56 7.56 12.64
CA THR A 88 13.87 7.24 11.38
C THR A 88 13.92 5.72 11.20
N GLU A 89 12.78 5.13 10.83
CA GLU A 89 12.71 3.69 10.61
C GLU A 89 13.20 3.35 9.20
N ASN A 90 13.82 2.19 9.07
CA ASN A 90 14.16 1.69 7.75
C ASN A 90 12.89 0.95 7.30
N LYS A 91 12.14 1.58 6.40
CA LYS A 91 10.83 1.06 5.93
C LYS A 91 10.88 -0.30 5.23
N THR A 92 12.06 -0.76 4.82
CA THR A 92 12.18 -2.06 4.16
C THR A 92 12.11 -3.23 5.16
N LEU A 93 12.15 -2.94 6.46
CA LEU A 93 12.14 -3.97 7.50
C LEU A 93 10.73 -4.21 8.03
N SER A 94 10.49 -5.39 8.59
CA SER A 94 9.16 -5.71 9.13
C SER A 94 8.85 -4.79 10.35
N TRP A 95 7.56 -4.68 10.68
CA TRP A 95 7.12 -3.86 11.80
C TRP A 95 7.79 -4.29 13.08
N GLU A 96 7.79 -5.59 13.35
CA GLU A 96 8.46 -6.09 14.58
C GLU A 96 9.97 -5.70 14.65
N GLU A 97 10.64 -5.75 13.50
CA GLU A 97 12.07 -5.44 13.48
C GLU A 97 12.27 -3.93 13.66
N ARG A 98 11.47 -3.12 12.97
CA ARG A 98 11.58 -1.64 13.10
C ARG A 98 11.35 -1.21 14.53
N LYS A 99 10.35 -1.83 15.15
CA LYS A 99 10.01 -1.53 16.51
C LYS A 99 11.05 -1.97 17.50
N ALA A 100 11.64 -3.15 17.29
CA ALA A 100 12.68 -3.60 18.19
C ALA A 100 13.90 -2.64 18.11
N HIS A 101 14.16 -2.15 16.90
CA HIS A 101 15.29 -1.25 16.72
C HIS A 101 15.05 0.08 17.44
N THR A 102 13.80 0.53 17.47
CA THR A 102 13.45 1.77 18.18
C THR A 102 13.60 1.60 19.71
N ILE A 103 13.20 0.44 20.23
CA ILE A 103 13.38 0.15 21.67
C ILE A 103 14.87 0.17 22.06
N GLU A 104 15.73 -0.44 21.22
CA GLU A 104 17.16 -0.43 21.49
C GLU A 104 17.69 1.03 21.49
N GLN A 105 17.21 1.82 20.54
CA GLN A 105 17.64 3.22 20.43
C GLN A 105 17.17 4.08 21.63
N VAL A 106 15.95 3.85 22.11
CA VAL A 106 15.46 4.59 23.27
C VAL A 106 16.21 4.13 24.51
N ARG A 107 16.74 2.91 24.50
CA ARG A 107 17.53 2.47 25.65
C ARG A 107 18.92 3.12 25.69
N THR A 108 19.61 3.08 24.56
CA THR A 108 21.02 3.45 24.47
C THR A 108 21.31 4.84 23.93
N GLY A 109 20.32 5.54 23.38
CA GLY A 109 20.60 6.88 22.83
C GLY A 109 20.93 7.89 23.90
N ASN A 110 21.38 9.09 23.49
CA ASN A 110 21.63 10.15 24.47
C ASN A 110 20.30 10.81 24.85
N LEU A 111 20.32 11.79 25.75
CA LEU A 111 19.05 12.41 26.22
C LEU A 111 18.19 12.97 25.09
N GLU A 112 18.82 13.68 24.14
CA GLU A 112 18.10 14.25 22.98
C GLU A 112 17.45 13.17 22.13
N GLU A 113 18.24 12.13 21.83
CA GLU A 113 17.72 11.00 21.00
C GLU A 113 16.56 10.31 21.68
N LYS A 114 16.66 10.10 22.99
CA LYS A 114 15.55 9.49 23.76
C LYS A 114 14.32 10.39 23.73
N ALA A 115 14.55 11.69 23.87
CA ALA A 115 13.41 12.62 23.92
C ALA A 115 12.64 12.66 22.61
N LEU A 116 13.34 12.54 21.48
CA LEU A 116 12.69 12.57 20.18
C LEU A 116 11.74 11.41 20.02
N ILE A 117 12.18 10.25 20.48
CA ILE A 117 11.35 9.04 20.39
C ILE A 117 10.16 9.14 21.35
N VAL A 118 10.40 9.48 22.62
CA VAL A 118 9.29 9.53 23.58
C VAL A 118 8.24 10.60 23.21
N ALA A 119 8.68 11.78 22.78
CA ALA A 119 7.76 12.84 22.38
C ALA A 119 6.86 12.39 21.21
N ASP A 120 7.47 11.72 20.24
CA ASP A 120 6.73 11.19 19.10
C ASP A 120 5.66 10.19 19.60
N LYS A 121 6.05 9.28 20.49
CA LYS A 121 5.08 8.27 21.02
C LYS A 121 4.02 8.86 21.90
N LEU A 122 4.40 9.87 22.65
CA LEU A 122 3.44 10.56 23.53
C LEU A 122 2.32 11.21 22.75
N ASP A 123 2.64 11.96 21.70
CA ASP A 123 1.57 12.58 20.93
C ASP A 123 0.68 11.49 20.29
N ASN A 124 1.29 10.41 19.79
N ASN A 124 1.29 10.39 19.82
CA ASN A 124 0.53 9.27 19.19
CA ASN A 124 0.53 9.28 19.23
C ASN A 124 -0.45 8.66 20.21
C ASN A 124 -0.45 8.68 20.22
N LEU A 125 0.03 8.29 21.40
CA LEU A 125 -0.85 7.71 22.43
C LEU A 125 -1.90 8.68 22.96
N THR A 126 -1.57 9.97 22.98
CA THR A 126 -2.56 10.98 23.35
C THR A 126 -3.77 10.85 22.40
N SER A 127 -3.51 10.68 21.10
CA SER A 127 -4.61 10.53 20.13
C SER A 127 -5.34 9.20 20.31
N VAL A 128 -4.60 8.16 20.70
CA VAL A 128 -5.20 6.85 20.96
C VAL A 128 -6.14 6.95 22.15
N LYS A 129 -5.68 7.52 23.28
CA LYS A 129 -6.53 7.66 24.49
C LYS A 129 -7.84 8.40 24.17
N TYR A 130 -7.71 9.46 23.37
CA TYR A 130 -8.84 10.26 22.93
C TYR A 130 -9.83 9.40 22.14
N ALA A 131 -9.32 8.57 21.23
CA ALA A 131 -10.19 7.69 20.43
C ALA A 131 -10.89 6.64 21.30
N LEU A 132 -10.14 6.04 22.23
CA LEU A 132 -10.71 5.02 23.13
C LEU A 132 -11.72 5.57 24.13
N SER A 133 -11.57 6.84 24.51
CA SER A 133 -12.48 7.49 25.46
C SER A 133 -13.92 7.64 24.94
N SER A 134 -14.13 7.52 23.63
CA SER A 134 -15.49 7.63 23.07
C SER A 134 -16.25 6.30 23.18
N LYS A 137 -15.46 1.81 21.15
CA LYS A 137 -14.05 1.75 20.77
C LYS A 137 -13.25 0.88 21.73
N SER A 138 -13.28 -0.44 21.47
CA SER A 138 -12.60 -1.45 22.27
C SER A 138 -11.10 -1.54 21.99
N VAL A 139 -10.30 -1.42 23.06
CA VAL A 139 -8.84 -1.53 22.95
C VAL A 139 -8.42 -2.91 22.34
N TRP A 140 -9.25 -3.94 22.50
CA TRP A 140 -8.92 -5.25 21.93
C TRP A 140 -9.15 -5.30 20.42
N SER A 141 -9.84 -4.29 19.89
CA SER A 141 -10.19 -4.23 18.47
C SER A 141 -9.62 -3.01 17.77
N TYR A 142 -9.08 -2.07 18.54
CA TYR A 142 -8.64 -0.81 17.98
C TYR A 142 -7.42 -0.81 17.07
N PHE A 143 -6.38 -1.54 17.44
CA PHE A 143 -5.09 -1.47 16.68
C PHE A 143 -4.99 -2.39 15.47
N LYS A 144 -4.65 -1.81 14.32
CA LYS A 144 -4.47 -2.61 13.11
C LYS A 144 -3.36 -3.65 13.27
N ARG A 145 -2.30 -3.33 14.03
CA ARG A 145 -1.23 -4.31 14.26
C ARG A 145 -1.58 -5.24 15.43
N GLY A 146 -2.75 -5.06 16.04
CA GLY A 146 -3.17 -5.88 17.15
C GLY A 146 -2.71 -5.37 18.50
N TYR A 147 -3.50 -5.69 19.52
CA TYR A 147 -3.22 -5.26 20.88
C TYR A 147 -1.88 -5.75 21.48
N ASP A 148 -1.60 -7.05 21.32
CA ASP A 148 -0.41 -7.62 21.93
C ASP A 148 0.87 -6.91 21.47
N LEU A 149 0.98 -6.70 20.14
CA LEU A 149 2.15 -6.07 19.56
C LEU A 149 2.28 -4.61 19.97
N GLN A 150 1.16 -3.88 19.95
CA GLN A 150 1.16 -2.48 20.40
C GLN A 150 1.49 -2.37 21.88
N LYS A 151 1.03 -3.31 22.68
CA LYS A 151 1.38 -3.33 24.10
C LYS A 151 2.87 -3.59 24.30
N TRP A 152 3.38 -4.60 23.57
CA TRP A 152 4.79 -4.96 23.67
C TRP A 152 5.66 -3.74 23.31
N TYR A 153 5.27 -3.04 22.27
CA TYR A 153 6.03 -1.88 21.76
C TYR A 153 6.09 -0.71 22.75
N ASN A 154 4.91 -0.26 23.17
CA ASN A 154 4.79 0.88 24.08
C ASN A 154 5.37 0.58 25.46
N GLN A 155 5.16 -0.64 25.95
CA GLN A 155 5.78 -1.05 27.21
C GLN A 155 7.29 -1.06 27.05
N GLY A 156 7.77 -1.50 25.87
CA GLY A 156 9.21 -1.49 25.59
C GLY A 156 9.84 -0.07 25.67
N ILE A 157 9.17 0.92 25.08
CA ILE A 157 9.64 2.31 25.14
C ILE A 157 9.61 2.76 26.61
N LYS A 158 8.44 2.58 27.24
CA LYS A 158 8.29 2.97 28.64
C LYS A 158 9.34 2.36 29.56
N ASN A 159 9.63 1.07 29.41
CA ASN A 159 10.60 0.40 30.28
C ASN A 159 12.06 0.61 29.94
N ASN A 160 12.35 1.26 28.82
CA ASN A 160 13.74 1.49 28.42
C ASN A 160 14.14 2.96 28.32
N MSE A 161 13.15 3.85 28.26
CA MSE A 161 13.43 5.29 28.05
C MSE A 161 14.29 5.93 29.14
O MSE A 161 15.04 6.86 28.85
CB MSE A 161 12.16 6.08 27.83
CG MSE A 161 11.29 6.09 29.07
SE MSE A 161 9.57 6.96 28.74
CE MSE A 161 8.90 6.74 30.55
N GLU A 162 14.20 5.43 30.38
CA GLU A 162 15.04 6.01 31.49
C GLU A 162 16.44 5.41 31.66
N TYR A 163 16.74 4.35 30.93
CA TYR A 163 18.00 3.65 31.06
C TYR A 163 19.20 4.58 30.84
N GLY A 164 20.07 4.62 31.84
CA GLY A 164 21.29 5.41 31.77
C GLY A 164 21.13 6.89 32.05
N LEU A 165 19.92 7.34 32.34
CA LEU A 165 19.72 8.74 32.63
C LEU A 165 19.78 9.00 34.15
N ASN A 166 20.32 10.15 34.52
CA ASN A 166 20.33 10.57 35.91
C ASN A 166 18.92 11.10 36.24
N PRO A 167 18.42 10.84 37.46
CA PRO A 167 17.07 11.34 37.81
C PRO A 167 16.80 12.83 37.52
N SER A 168 17.80 13.69 37.67
CA SER A 168 17.60 15.13 37.43
C SER A 168 17.39 15.53 35.96
N GLU A 169 17.77 14.68 35.01
CA GLU A 169 17.61 15.02 33.58
C GLU A 169 16.41 14.35 32.89
N ILE A 170 15.65 13.50 33.58
CA ILE A 170 14.46 12.85 32.96
C ILE A 170 13.39 13.91 32.74
N PRO A 171 12.98 14.14 31.47
CA PRO A 171 11.94 15.18 31.27
C PRO A 171 10.57 14.85 31.89
N PRO A 172 9.86 15.86 32.41
CA PRO A 172 8.52 15.60 32.96
C PRO A 172 7.59 14.89 31.99
N PHE A 173 7.70 15.15 30.69
CA PHE A 173 6.81 14.49 29.73
C PHE A 173 7.01 12.97 29.66
N PHE A 174 8.16 12.45 30.13
CA PHE A 174 8.40 10.97 30.14
C PHE A 174 7.34 10.31 31.05
N ASP A 175 7.03 10.97 32.18
N ASP A 175 7.02 10.95 32.18
CA ASP A 175 6.02 10.52 33.15
CA ASP A 175 6.02 10.40 33.08
C ASP A 175 4.61 10.51 32.52
C ASP A 175 4.63 10.44 32.44
N GLU A 176 4.33 11.49 31.65
CA GLU A 176 3.02 11.57 30.97
C GLU A 176 2.89 10.37 30.04
N TYR A 177 3.96 10.07 29.32
CA TYR A 177 3.93 8.88 28.45
C TYR A 177 3.74 7.60 29.26
N ALA A 178 4.47 7.45 30.37
CA ALA A 178 4.32 6.27 31.23
C ALA A 178 2.86 6.08 31.70
N ARG A 179 2.21 7.16 32.15
CA ARG A 179 0.82 7.11 32.60
CA ARG A 179 0.81 7.10 32.60
C ARG A 179 -0.12 6.68 31.47
N LEU A 180 0.09 7.22 30.26
CA LEU A 180 -0.71 6.80 29.12
C LEU A 180 -0.56 5.32 28.78
N VAL A 181 0.67 4.81 28.83
CA VAL A 181 0.90 3.37 28.54
C VAL A 181 0.17 2.51 29.56
N LYS A 182 0.27 2.88 30.83
N LYS A 182 0.27 2.87 30.84
CA LYS A 182 -0.41 2.17 31.93
CA LYS A 182 -0.41 2.15 31.92
C LYS A 182 -1.93 2.20 31.78
C LYS A 182 -1.93 2.21 31.80
N TRP A 183 -2.46 3.34 31.33
CA TRP A 183 -3.91 3.52 31.13
C TRP A 183 -4.43 2.70 29.95
N ILE A 184 -3.76 2.82 28.81
CA ILE A 184 -4.19 2.10 27.63
C ILE A 184 -3.96 0.58 27.70
N PHE A 185 -2.82 0.14 28.22
CA PHE A 185 -2.44 -1.30 28.21
C PHE A 185 -2.41 -2.01 29.58
N LYS A 186 -3.25 -1.58 30.51
CA LYS A 186 -3.31 -2.24 31.84
C LYS A 186 -3.74 -3.71 31.78
N LYS B 26 -0.86 -16.06 -6.38
CA LYS B 26 0.63 -15.94 -6.09
C LYS B 26 1.44 -17.03 -6.78
N ILE B 27 2.75 -16.79 -6.90
CA ILE B 27 3.69 -17.70 -7.56
C ILE B 27 4.50 -18.46 -6.50
N THR B 28 4.31 -19.79 -6.39
CA THR B 28 5.08 -20.64 -5.47
C THR B 28 6.03 -21.57 -6.28
N GLY B 29 6.37 -22.75 -5.75
CA GLY B 29 7.30 -23.68 -6.40
C GLY B 29 6.70 -24.76 -7.32
N GLU B 30 7.36 -25.90 -7.38
CA GLU B 30 7.02 -27.00 -8.26
C GLU B 30 5.68 -27.62 -7.82
N PRO B 31 4.90 -28.20 -8.71
CA PRO B 31 5.19 -28.35 -10.14
C PRO B 31 4.63 -27.25 -11.05
N TYR B 32 3.70 -26.40 -10.57
CA TYR B 32 3.11 -25.38 -11.46
C TYR B 32 3.59 -23.96 -11.28
N PHE B 33 4.42 -23.70 -10.28
CA PHE B 33 4.96 -22.36 -10.04
C PHE B 33 3.82 -21.33 -9.97
N SER B 34 2.79 -21.72 -9.27
CA SER B 34 1.56 -20.95 -9.17
C SER B 34 0.84 -21.49 -7.98
N HIS B 35 0.59 -20.66 -6.99
CA HIS B 35 -0.13 -21.13 -5.78
C HIS B 35 -1.51 -21.71 -6.12
N PRO B 36 -2.31 -21.01 -6.95
CA PRO B 36 -3.62 -21.58 -7.26
C PRO B 36 -3.56 -22.96 -7.95
N LEU B 37 -2.68 -23.15 -8.93
CA LEU B 37 -2.57 -24.45 -9.59
C LEU B 37 -2.02 -25.52 -8.68
N ASN B 38 -1.05 -25.18 -7.83
CA ASN B 38 -0.51 -26.17 -6.86
C ASN B 38 -1.56 -26.60 -5.83
N VAL B 39 -2.38 -25.66 -5.37
CA VAL B 39 -3.45 -25.96 -4.41
C VAL B 39 -4.49 -26.84 -5.11
N ALA B 40 -4.85 -26.50 -6.34
CA ALA B 40 -5.84 -27.35 -7.12
C ALA B 40 -5.34 -28.76 -7.28
N ARG B 41 -4.04 -28.92 -7.53
CA ARG B 41 -3.46 -30.25 -7.66
C ARG B 41 -3.54 -31.06 -6.36
N ILE B 42 -3.25 -30.41 -5.24
CA ILE B 42 -3.32 -31.09 -3.95
C ILE B 42 -4.74 -31.59 -3.71
N LEU B 43 -5.70 -30.72 -3.95
CA LEU B 43 -7.12 -31.06 -3.77
C LEU B 43 -7.61 -32.16 -4.71
N ARG B 44 -7.22 -32.05 -5.98
CA ARG B 44 -7.57 -33.06 -6.99
C ARG B 44 -7.02 -34.43 -6.63
N ARG B 45 -5.75 -34.47 -6.25
CA ARG B 45 -5.14 -35.75 -5.90
C ARG B 45 -5.70 -36.38 -4.65
N ALA B 46 -6.31 -35.56 -3.81
CA ALA B 46 -6.93 -36.04 -2.60
C ALA B 46 -8.35 -36.54 -2.87
N GLY B 47 -8.84 -36.44 -4.09
CA GLY B 47 -10.21 -36.95 -4.41
C GLY B 47 -11.33 -35.92 -4.31
N PHE B 48 -11.02 -34.62 -4.09
CA PHE B 48 -12.12 -33.65 -3.97
C PHE B 48 -12.82 -33.36 -5.29
N ARG B 49 -14.10 -33.06 -5.23
CA ARG B 49 -14.89 -32.81 -6.45
C ARG B 49 -14.48 -31.49 -7.11
N GLU B 50 -14.91 -31.35 -8.36
CA GLU B 50 -14.57 -30.20 -9.24
C GLU B 50 -14.81 -28.82 -8.61
N GLU B 51 -15.97 -28.67 -7.96
CA GLU B 51 -16.32 -27.41 -7.34
C GLU B 51 -15.29 -26.99 -6.27
N VAL B 52 -14.78 -27.97 -5.51
CA VAL B 52 -13.79 -27.73 -4.45
C VAL B 52 -12.46 -27.34 -5.06
N VAL B 53 -12.03 -28.08 -6.09
CA VAL B 53 -10.78 -27.79 -6.78
C VAL B 53 -10.80 -26.36 -7.32
N VAL B 54 -11.92 -25.99 -7.94
CA VAL B 54 -12.06 -24.65 -8.52
C VAL B 54 -12.06 -23.58 -7.43
N ALA B 55 -12.71 -23.86 -6.29
CA ALA B 55 -12.69 -22.92 -5.15
C ALA B 55 -11.26 -22.70 -4.68
N GLY B 56 -10.47 -23.78 -4.64
CA GLY B 56 -9.06 -23.66 -4.28
C GLY B 56 -8.29 -22.79 -5.24
N LEU B 57 -8.60 -22.97 -6.50
CA LEU B 57 -7.97 -22.22 -7.56
C LEU B 57 -8.28 -20.72 -7.49
N LEU B 58 -9.48 -20.37 -7.05
CA LEU B 58 -9.95 -18.96 -7.05
C LEU B 58 -9.66 -18.17 -5.77
N HIS B 59 -9.11 -18.81 -4.75
CA HIS B 59 -8.84 -18.10 -3.50
C HIS B 59 -7.93 -16.86 -3.66
N ASP B 60 -6.79 -17.01 -4.33
CA ASP B 60 -5.87 -15.85 -4.52
C ASP B 60 -6.48 -14.77 -5.40
N ALA B 61 -7.32 -15.17 -6.36
CA ALA B 61 -7.98 -14.20 -7.25
C ALA B 61 -8.83 -13.21 -6.45
N VAL B 62 -9.67 -13.73 -5.55
CA VAL B 62 -10.57 -12.88 -4.76
C VAL B 62 -9.80 -12.08 -3.74
N GLU B 63 -8.87 -12.73 -3.06
CA GLU B 63 -8.09 -12.07 -2.02
C GLU B 63 -7.14 -10.99 -2.57
N ASP B 64 -6.42 -11.30 -3.65
CA ASP B 64 -5.38 -10.40 -4.16
C ASP B 64 -5.72 -9.51 -5.34
N THR B 65 -6.91 -9.65 -5.94
CA THR B 65 -7.28 -8.79 -7.06
C THR B 65 -8.63 -8.17 -6.78
N GLU B 66 -9.11 -7.37 -7.71
CA GLU B 66 -10.41 -6.71 -7.59
C GLU B 66 -11.58 -7.66 -7.83
N MSE B 67 -11.31 -8.90 -8.23
CA MSE B 67 -12.39 -9.88 -8.41
C MSE B 67 -13.12 -10.01 -7.07
O MSE B 67 -12.48 -10.04 -6.01
CB MSE B 67 -11.86 -11.25 -8.84
CG MSE B 67 -13.01 -12.13 -9.32
SE MSE B 67 -12.30 -13.82 -10.02
CE MSE B 67 -14.00 -14.68 -10.58
N THR B 68 -14.43 -10.07 -7.13
CA THR B 68 -15.26 -10.14 -5.93
C THR B 68 -16.08 -11.43 -5.85
N ASP B 69 -16.71 -11.61 -4.69
CA ASP B 69 -17.62 -12.71 -4.44
C ASP B 69 -18.76 -12.69 -5.48
N ALA B 70 -19.25 -11.50 -5.81
CA ALA B 70 -20.34 -11.35 -6.79
C ALA B 70 -19.89 -11.81 -8.18
N ASP B 71 -18.65 -11.48 -8.57
CA ASP B 71 -18.10 -11.97 -9.85
C ASP B 71 -18.07 -13.50 -9.90
N ILE B 72 -17.62 -14.15 -8.82
CA ILE B 72 -17.56 -15.61 -8.80
C ILE B 72 -18.94 -16.22 -8.91
N ARG B 73 -19.92 -15.61 -8.24
CA ARG B 73 -21.31 -16.12 -8.31
C ARG B 73 -21.86 -16.03 -9.70
N ALA B 74 -21.58 -14.93 -10.39
CA ALA B 74 -22.09 -14.69 -11.74
C ALA B 74 -21.55 -15.70 -12.77
N THR B 75 -20.28 -16.06 -12.65
CA THR B 75 -19.67 -16.99 -13.62
C THR B 75 -19.65 -18.45 -13.21
N PHE B 76 -19.28 -18.71 -11.96
CA PHE B 76 -19.15 -20.06 -11.45
C PHE B 76 -20.28 -20.59 -10.61
N GLY B 77 -21.21 -19.72 -10.19
CA GLY B 77 -22.35 -20.16 -9.39
C GLY B 77 -22.13 -20.08 -7.89
N ASP B 78 -23.22 -20.23 -7.15
CA ASP B 78 -23.24 -20.13 -5.70
C ASP B 78 -22.43 -21.18 -4.93
N GLU B 79 -22.43 -22.44 -5.37
CA GLU B 79 -21.67 -23.47 -4.69
C GLU B 79 -20.19 -23.09 -4.60
N VAL B 80 -19.59 -22.81 -5.76
CA VAL B 80 -18.18 -22.40 -5.79
C VAL B 80 -17.94 -21.11 -4.98
N ALA B 81 -18.82 -20.11 -5.16
CA ALA B 81 -18.69 -18.83 -4.46
C ALA B 81 -18.72 -19.05 -2.96
N ASP B 82 -19.62 -19.93 -2.50
CA ASP B 82 -19.74 -20.23 -1.06
C ASP B 82 -18.50 -20.93 -0.53
N LEU B 83 -17.93 -21.85 -1.31
CA LEU B 83 -16.70 -22.54 -0.87
C LEU B 83 -15.55 -21.51 -0.75
N VAL B 84 -15.45 -20.63 -1.75
CA VAL B 84 -14.44 -19.58 -1.74
C VAL B 84 -14.60 -18.67 -0.53
N ALA B 85 -15.83 -18.22 -0.28
CA ALA B 85 -16.12 -17.33 0.84
C ALA B 85 -15.84 -17.96 2.18
N SER B 86 -15.88 -19.29 2.28
CA SER B 86 -15.64 -19.94 3.56
C SER B 86 -14.24 -19.68 4.14
N HIS B 87 -13.29 -19.47 3.21
N HIS B 87 -13.22 -19.39 3.32
CA HIS B 87 -11.86 -19.20 3.50
CA HIS B 87 -11.88 -19.11 3.93
C HIS B 87 -11.41 -17.88 2.88
C HIS B 87 -11.22 -17.80 3.48
N THR B 88 -12.06 -16.79 3.26
CA THR B 88 -11.63 -15.45 2.81
C THR B 88 -11.37 -14.64 4.09
N GLU B 89 -10.30 -13.86 4.11
CA GLU B 89 -9.96 -13.06 5.26
C GLU B 89 -10.62 -11.69 5.22
N ASN B 90 -10.98 -11.17 6.37
CA ASN B 90 -11.51 -9.82 6.47
C ASN B 90 -10.29 -8.92 6.67
N LYS B 91 -9.89 -8.23 5.62
CA LYS B 91 -8.67 -7.40 5.63
C LYS B 91 -8.72 -6.17 6.51
N THR B 92 -9.88 -5.85 7.08
CA THR B 92 -9.96 -4.70 7.97
C THR B 92 -9.48 -5.05 9.37
N LEU B 93 -9.34 -6.34 9.67
CA LEU B 93 -8.91 -6.80 10.98
C LEU B 93 -7.41 -7.00 11.02
N SER B 94 -6.89 -7.11 12.23
CA SER B 94 -5.47 -7.35 12.42
C SER B 94 -5.14 -8.78 11.93
N TRP B 95 -3.87 -8.97 11.60
CA TRP B 95 -3.36 -10.25 11.16
C TRP B 95 -3.74 -11.29 12.21
N GLU B 96 -3.52 -10.97 13.48
CA GLU B 96 -3.83 -11.95 14.54
C GLU B 96 -5.34 -12.34 14.60
N GLU B 97 -6.23 -11.38 14.39
CA GLU B 97 -7.67 -11.70 14.38
C GLU B 97 -7.99 -12.54 13.16
N ARG B 98 -7.46 -12.17 12.00
CA ARG B 98 -7.70 -12.92 10.75
C ARG B 98 -7.32 -14.40 10.91
N LYS B 99 -6.13 -14.59 11.44
CA LYS B 99 -5.58 -15.92 11.68
C LYS B 99 -6.38 -16.72 12.71
N ALA B 100 -6.82 -16.07 13.78
CA ALA B 100 -7.66 -16.76 14.78
C ALA B 100 -8.97 -17.22 14.13
N HIS B 101 -9.53 -16.39 13.25
CA HIS B 101 -10.78 -16.76 12.61
C HIS B 101 -10.55 -17.94 11.63
N THR B 102 -9.41 -17.98 10.97
CA THR B 102 -9.08 -19.10 10.09
C THR B 102 -8.92 -20.39 10.90
N ILE B 103 -8.27 -20.29 12.07
CA ILE B 103 -8.14 -21.47 12.99
C ILE B 103 -9.53 -22.00 13.40
N GLU B 104 -10.45 -21.09 13.77
CA GLU B 104 -11.85 -21.51 14.11
C GLU B 104 -12.50 -22.22 12.95
N GLN B 105 -12.31 -21.66 11.74
CA GLN B 105 -12.90 -22.24 10.56
C GLN B 105 -12.33 -23.65 10.22
N VAL B 106 -11.02 -23.85 10.42
CA VAL B 106 -10.40 -25.15 10.15
C VAL B 106 -10.86 -26.14 11.19
N ARG B 107 -11.21 -25.65 12.38
CA ARG B 107 -11.73 -26.54 13.41
C ARG B 107 -13.15 -27.00 13.11
N THR B 108 -14.01 -26.03 12.78
CA THR B 108 -15.49 -26.25 12.71
C THR B 108 -16.08 -26.49 11.33
N GLY B 109 -15.33 -26.23 10.27
CA GLY B 109 -15.86 -26.41 8.91
C GLY B 109 -16.06 -27.86 8.56
N ASN B 110 -16.74 -28.09 7.44
CA ASN B 110 -16.90 -29.46 6.94
C ASN B 110 -15.60 -29.89 6.26
N LEU B 111 -15.50 -31.14 5.84
CA LEU B 111 -14.27 -31.67 5.25
C LEU B 111 -13.74 -30.85 4.06
N GLU B 112 -14.64 -30.44 3.17
CA GLU B 112 -14.25 -29.62 2.00
C GLU B 112 -13.68 -28.28 2.46
N GLU B 113 -14.37 -27.65 3.39
CA GLU B 113 -13.92 -26.36 3.94
C GLU B 113 -12.55 -26.46 4.61
N LYS B 114 -12.35 -27.52 5.40
CA LYS B 114 -11.07 -27.81 6.03
C LYS B 114 -9.96 -28.04 4.99
N ALA B 115 -10.27 -28.79 3.95
CA ALA B 115 -9.29 -29.12 2.93
C ALA B 115 -8.81 -27.90 2.20
N LEU B 116 -9.72 -26.96 1.91
CA LEU B 116 -9.32 -25.71 1.24
C LEU B 116 -8.30 -24.93 2.03
N ILE B 117 -8.50 -24.88 3.34
CA ILE B 117 -7.57 -24.16 4.22
C ILE B 117 -6.24 -24.89 4.31
N VAL B 118 -6.26 -26.18 4.59
CA VAL B 118 -4.99 -26.91 4.76
C VAL B 118 -4.21 -26.96 3.45
N ALA B 119 -4.89 -27.11 2.31
CA ALA B 119 -4.17 -27.15 1.02
C ALA B 119 -3.44 -25.81 0.77
N ASP B 120 -4.14 -24.72 1.04
CA ASP B 120 -3.57 -23.38 0.92
C ASP B 120 -2.32 -23.24 1.81
N LYS B 121 -2.44 -23.63 3.08
CA LYS B 121 -1.32 -23.50 4.04
C LYS B 121 -0.16 -24.40 3.68
N LEU B 122 -0.49 -25.61 3.22
CA LEU B 122 0.54 -26.56 2.82
C LEU B 122 1.44 -26.07 1.68
N ASP B 123 0.85 -25.54 0.62
CA ASP B 123 1.64 -25.06 -0.49
C ASP B 123 2.48 -23.85 -0.04
N ASN B 124 1.89 -22.97 0.77
CA ASN B 124 2.65 -21.79 1.29
C ASN B 124 3.85 -22.21 2.11
N LEU B 125 3.64 -23.17 3.02
CA LEU B 125 4.69 -23.63 3.88
C LEU B 125 5.78 -24.43 3.13
N THR B 126 5.37 -25.15 2.09
CA THR B 126 6.31 -25.89 1.25
C THR B 126 7.31 -24.88 0.65
N SER B 127 6.80 -23.73 0.20
CA SER B 127 7.66 -22.68 -0.35
C SER B 127 8.62 -22.11 0.69
N VAL B 128 8.23 -22.14 1.96
CA VAL B 128 9.07 -21.67 3.06
C VAL B 128 10.19 -22.68 3.31
N LYS B 129 9.87 -23.97 3.32
CA LYS B 129 10.90 -25.00 3.50
C LYS B 129 11.98 -24.86 2.46
N TYR B 130 11.54 -24.62 1.22
CA TYR B 130 12.41 -24.44 0.07
C TYR B 130 13.29 -23.21 0.24
N ALA B 131 12.70 -22.11 0.72
CA ALA B 131 13.45 -20.86 0.95
C ALA B 131 14.54 -21.04 2.02
N LEU B 132 14.27 -21.87 3.01
CA LEU B 132 15.24 -22.15 4.08
C LEU B 132 16.39 -23.04 3.58
N SER B 138 17.23 -15.06 7.77
CA SER B 138 16.42 -13.86 7.52
C SER B 138 15.16 -14.12 6.70
N VAL B 139 14.84 -15.39 6.40
CA VAL B 139 13.61 -15.73 5.63
C VAL B 139 12.35 -15.19 6.34
N TRP B 140 12.36 -15.25 7.68
CA TRP B 140 11.22 -14.78 8.48
C TRP B 140 11.05 -13.26 8.41
N SER B 141 12.14 -12.52 8.11
CA SER B 141 12.09 -11.05 8.01
C SER B 141 11.20 -10.50 6.90
N TYR B 142 10.89 -11.32 5.91
CA TYR B 142 10.06 -10.92 4.75
C TYR B 142 8.55 -11.07 4.94
N PHE B 143 8.12 -11.85 5.92
CA PHE B 143 6.69 -12.05 6.16
C PHE B 143 6.08 -10.85 6.93
N LYS B 144 4.77 -10.84 7.03
CA LYS B 144 4.04 -9.78 7.74
C LYS B 144 4.29 -9.88 9.26
N ARG B 145 4.58 -11.10 9.72
CA ARG B 145 4.89 -11.37 11.10
C ARG B 145 6.04 -12.37 11.13
N GLY B 146 6.81 -12.28 12.21
CA GLY B 146 7.98 -13.12 12.43
C GLY B 146 7.72 -14.56 12.83
N TYR B 147 8.85 -15.25 13.06
CA TYR B 147 8.88 -16.67 13.40
C TYR B 147 7.86 -17.12 14.43
N ASP B 148 7.88 -16.47 15.60
CA ASP B 148 6.99 -16.92 16.69
C ASP B 148 5.49 -16.86 16.37
N LEU B 149 5.06 -15.80 15.68
CA LEU B 149 3.66 -15.69 15.33
C LEU B 149 3.27 -16.67 14.20
N GLN B 150 4.20 -16.90 13.25
CA GLN B 150 3.98 -17.87 12.17
C GLN B 150 3.85 -19.24 12.78
N LYS B 151 4.65 -19.50 13.80
CA LYS B 151 4.60 -20.77 14.52
C LYS B 151 3.23 -20.96 15.18
N TRP B 152 2.74 -19.91 15.86
CA TRP B 152 1.44 -19.98 16.54
C TRP B 152 0.33 -20.30 15.54
N TYR B 153 0.37 -19.62 14.40
CA TYR B 153 -0.62 -19.77 13.36
C TYR B 153 -0.64 -21.17 12.75
N ASN B 154 0.51 -21.63 12.27
CA ASN B 154 0.63 -22.96 11.65
C ASN B 154 0.35 -24.08 12.64
N GLN B 155 0.78 -23.92 13.89
CA GLN B 155 0.46 -24.94 14.92
C GLN B 155 -1.03 -24.94 15.19
N GLY B 156 -1.64 -23.75 15.18
CA GLY B 156 -3.10 -23.66 15.34
C GLY B 156 -3.84 -24.43 14.25
N ILE B 157 -3.43 -24.29 13.00
CA ILE B 157 -4.06 -25.02 11.90
C ILE B 157 -3.87 -26.52 12.09
N LYS B 158 -2.60 -26.91 12.30
CA LYS B 158 -2.24 -28.30 12.50
C LYS B 158 -3.02 -28.93 13.64
N ASN B 159 -3.16 -28.22 14.74
CA ASN B 159 -3.84 -28.79 15.92
C ASN B 159 -5.37 -28.81 15.88
N ASN B 160 -5.97 -28.16 14.90
CA ASN B 160 -7.45 -28.11 14.81
C ASN B 160 -8.03 -28.72 13.54
N MSE B 161 -7.19 -28.96 12.54
CA MSE B 161 -7.69 -29.46 11.24
C MSE B 161 -8.41 -30.80 11.32
O MSE B 161 -9.37 -31.02 10.55
CB MSE B 161 -6.59 -29.47 10.19
CG MSE B 161 -5.50 -30.48 10.52
SE MSE B 161 -3.98 -30.35 9.30
CE MSE B 161 -2.92 -31.72 10.19
N GLU B 162 -8.00 -31.68 12.23
CA GLU B 162 -8.67 -33.01 12.36
C GLU B 162 -9.91 -33.03 13.24
N TYR B 163 -10.22 -31.93 13.91
CA TYR B 163 -11.35 -31.92 14.84
C TYR B 163 -12.67 -32.27 14.16
N GLY B 164 -13.35 -33.25 14.72
CA GLY B 164 -14.64 -33.68 14.19
C GLY B 164 -14.60 -34.60 12.97
N LEU B 165 -13.40 -34.96 12.51
CA LEU B 165 -13.31 -35.87 11.38
C LEU B 165 -13.06 -37.32 11.84
N ASN B 166 -13.59 -38.29 11.10
CA ASN B 166 -13.28 -39.70 11.35
C ASN B 166 -11.91 -39.97 10.74
N PRO B 167 -11.08 -40.81 11.40
CA PRO B 167 -9.75 -41.12 10.83
C PRO B 167 -9.73 -41.46 9.34
N SER B 168 -10.76 -42.16 8.85
CA SER B 168 -10.84 -42.53 7.43
C SER B 168 -11.04 -41.35 6.45
N GLU B 169 -11.58 -40.24 6.95
CA GLU B 169 -11.82 -39.03 6.14
C GLU B 169 -10.61 -38.12 6.00
N ILE B 170 -9.63 -38.26 6.88
CA ILE B 170 -8.47 -37.35 6.88
C ILE B 170 -7.58 -37.52 5.65
N PRO B 171 -7.55 -36.50 4.77
CA PRO B 171 -6.69 -36.64 3.57
C PRO B 171 -5.18 -36.83 3.91
N PRO B 172 -4.48 -37.64 3.09
CA PRO B 172 -3.07 -37.86 3.32
C PRO B 172 -2.27 -36.57 3.35
N PHE B 173 -2.69 -35.54 2.59
CA PHE B 173 -1.93 -34.27 2.60
C PHE B 173 -2.00 -33.56 3.96
N PHE B 174 -3.01 -33.85 4.80
CA PHE B 174 -3.07 -33.24 6.15
C PHE B 174 -1.81 -33.69 6.94
N ASP B 175 -1.45 -34.97 6.81
N ASP B 175 -1.44 -34.97 6.84
CA ASP B 175 -0.26 -35.53 7.45
CA ASP B 175 -0.23 -35.46 7.54
C ASP B 175 1.01 -34.84 6.95
C ASP B 175 1.05 -34.85 6.95
N GLU B 176 1.04 -34.54 5.64
CA GLU B 176 2.19 -33.87 5.02
C GLU B 176 2.36 -32.47 5.66
N TYR B 177 1.24 -31.76 5.83
CA TYR B 177 1.28 -30.45 6.48
C TYR B 177 1.74 -30.58 7.92
N ALA B 178 1.21 -31.56 8.64
CA ALA B 178 1.65 -31.80 10.03
C ALA B 178 3.19 -32.01 10.13
N ARG B 179 3.77 -32.84 9.25
CA ARG B 179 5.23 -33.08 9.26
CA ARG B 179 5.23 -33.07 9.28
C ARG B 179 5.99 -31.80 8.94
N LEU B 180 5.48 -31.02 7.98
CA LEU B 180 6.11 -29.75 7.63
C LEU B 180 6.17 -28.76 8.80
N VAL B 181 5.04 -28.61 9.49
CA VAL B 181 4.98 -27.73 10.66
C VAL B 181 5.98 -28.18 11.74
N LYS B 182 6.01 -29.47 12.01
N LYS B 182 6.02 -29.47 12.03
CA LYS B 182 6.96 -30.03 12.99
CA LYS B 182 6.97 -29.98 13.02
C LYS B 182 8.41 -29.77 12.58
C LYS B 182 8.42 -29.77 12.58
N TRP B 183 8.69 -29.90 11.29
CA TRP B 183 10.04 -29.68 10.75
C TRP B 183 10.45 -28.22 10.77
N ILE B 184 9.59 -27.34 10.28
CA ILE B 184 9.93 -25.91 10.22
C ILE B 184 10.03 -25.23 11.58
N PHE B 185 9.09 -25.53 12.47
CA PHE B 185 9.01 -24.86 13.77
C PHE B 185 9.63 -25.69 14.90
N LYS B 186 10.94 -25.94 14.74
CA LYS B 186 11.79 -26.72 15.67
C LYS B 186 12.01 -26.03 17.01
N LYS B 187 12.31 -24.74 16.96
CA LYS B 187 12.64 -23.96 18.15
C LYS B 187 11.42 -23.22 18.76
N SER C 34 22.97 27.56 10.77
CA SER C 34 21.70 27.02 10.18
C SER C 34 20.69 28.14 10.01
N HIS C 35 20.58 28.63 8.78
CA HIS C 35 19.72 29.76 8.45
C HIS C 35 18.23 29.56 8.79
N PRO C 36 17.65 28.39 8.42
CA PRO C 36 16.26 28.16 8.79
C PRO C 36 16.02 28.33 10.29
N LEU C 37 16.92 27.82 11.13
CA LEU C 37 16.79 27.95 12.58
C LEU C 37 16.88 29.40 13.02
N ASN C 38 17.69 30.20 12.33
CA ASN C 38 17.81 31.60 12.67
C ASN C 38 16.50 32.33 12.29
N VAL C 39 15.91 31.99 11.15
CA VAL C 39 14.65 32.59 10.76
C VAL C 39 13.58 32.25 11.82
N ALA C 40 13.57 31.00 12.28
CA ALA C 40 12.61 30.57 13.31
C ALA C 40 12.79 31.39 14.60
N ARG C 41 14.04 31.56 15.04
CA ARG C 41 14.38 32.34 16.24
C ARG C 41 13.88 33.79 16.11
N ILE C 42 14.10 34.38 14.93
CA ILE C 42 13.66 35.75 14.66
C ILE C 42 12.14 35.90 14.83
N LEU C 43 11.40 35.00 14.18
CA LEU C 43 9.95 35.05 14.22
C LEU C 43 9.38 34.75 15.59
N ARG C 44 9.94 33.73 16.25
CA ARG C 44 9.48 33.37 17.60
C ARG C 44 9.72 34.51 18.61
N ARG C 45 10.90 35.11 18.57
CA ARG C 45 11.22 36.20 19.49
C ARG C 45 10.31 37.40 19.25
N ALA C 46 9.88 37.59 17.99
CA ALA C 46 9.01 38.71 17.65
C ALA C 46 7.56 38.47 18.08
N GLY C 47 7.26 37.29 18.60
CA GLY C 47 5.91 36.99 19.13
C GLY C 47 4.92 36.33 18.15
N PHE C 48 5.38 35.87 16.99
CA PHE C 48 4.48 35.24 16.04
C PHE C 48 4.11 33.84 16.47
N ARG C 49 2.90 33.42 16.06
CA ARG C 49 2.42 32.11 16.43
C ARG C 49 3.27 31.02 15.77
N GLU C 50 3.24 29.81 16.33
CA GLU C 50 4.13 28.74 15.83
C GLU C 50 3.96 28.34 14.38
N GLU C 51 2.75 28.43 13.84
CA GLU C 51 2.57 28.14 12.43
C GLU C 51 3.40 29.08 11.54
N VAL C 52 3.53 30.35 11.97
CA VAL C 52 4.30 31.34 11.22
C VAL C 52 5.79 30.98 11.37
N VAL C 53 6.18 30.66 12.59
CA VAL C 53 7.56 30.27 12.89
C VAL C 53 7.94 29.08 12.03
N VAL C 54 7.06 28.07 11.96
CA VAL C 54 7.34 26.88 11.18
C VAL C 54 7.34 27.16 9.68
N ALA C 55 6.43 27.99 9.21
CA ALA C 55 6.42 28.35 7.81
C ALA C 55 7.76 29.03 7.42
N GLY C 56 8.32 29.81 8.34
CA GLY C 56 9.61 30.49 8.08
C GLY C 56 10.71 29.46 7.99
N LEU C 57 10.74 28.58 8.98
CA LEU C 57 11.68 27.48 9.05
C LEU C 57 11.70 26.61 7.80
N LEU C 58 10.53 26.39 7.22
CA LEU C 58 10.37 25.50 6.07
C LEU C 58 10.60 26.11 4.70
N HIS C 59 10.62 27.44 4.60
CA HIS C 59 10.76 28.12 3.32
C HIS C 59 11.83 27.53 2.38
N ASP C 60 13.09 27.47 2.83
CA ASP C 60 14.18 26.95 1.99
C ASP C 60 13.95 25.50 1.58
N ALA C 61 13.64 24.66 2.57
CA ALA C 61 13.38 23.24 2.31
C ALA C 61 12.32 23.07 1.23
N VAL C 62 11.24 23.83 1.34
CA VAL C 62 10.13 23.73 0.38
C VAL C 62 10.58 24.10 -1.02
N GLU C 63 11.34 25.18 -1.15
CA GLU C 63 11.83 25.61 -2.45
C GLU C 63 12.93 24.70 -3.02
N ASP C 64 13.88 24.30 -2.17
CA ASP C 64 14.99 23.42 -2.58
C ASP C 64 14.56 22.02 -3.01
N THR C 65 13.43 21.53 -2.49
CA THR C 65 12.93 20.20 -2.82
C THR C 65 11.62 20.23 -3.61
N GLU C 66 11.09 21.44 -3.86
CA GLU C 66 9.82 21.59 -4.57
C GLU C 66 8.72 20.70 -3.95
N MSE C 67 8.60 20.77 -2.64
CA MSE C 67 7.60 20.00 -1.91
C MSE C 67 6.28 20.60 -2.26
O MSE C 67 6.14 21.82 -2.25
CB MSE C 67 7.85 20.08 -0.40
CG MSE C 67 7.35 18.83 0.33
SE MSE C 67 7.28 19.09 2.29
CE MSE C 67 8.92 20.15 2.58
N THR C 68 5.32 19.76 -2.60
CA THR C 68 3.99 20.23 -2.99
C THR C 68 3.20 20.76 -1.81
N ASP C 69 2.14 21.50 -2.13
CA ASP C 69 1.25 22.03 -1.12
C ASP C 69 0.61 20.86 -0.40
N ALA C 70 0.19 19.85 -1.17
CA ALA C 70 -0.44 18.65 -0.61
C ALA C 70 0.45 17.97 0.43
N ASP C 71 1.75 17.87 0.15
CA ASP C 71 2.70 17.28 1.11
C ASP C 71 2.83 18.15 2.37
N ILE C 72 2.99 19.45 2.20
CA ILE C 72 3.12 20.36 3.34
C ILE C 72 1.85 20.30 4.18
N ARG C 73 0.71 20.37 3.50
CA ARG C 73 -0.61 20.33 4.12
C ARG C 73 -0.87 19.01 4.89
N ALA C 74 -0.54 17.87 4.28
CA ALA C 74 -0.76 16.57 4.94
C ALA C 74 0.21 16.32 6.10
N THR C 75 1.40 16.90 6.02
CA THR C 75 2.40 16.67 7.06
C THR C 75 2.28 17.70 8.21
N PHE C 76 2.21 18.98 7.87
CA PHE C 76 2.24 20.04 8.84
C PHE C 76 0.91 20.74 9.18
N GLY C 77 -0.15 20.46 8.42
CA GLY C 77 -1.44 21.07 8.66
C GLY C 77 -1.76 22.23 7.73
N ASP C 78 -3.04 22.59 7.69
CA ASP C 78 -3.54 23.69 6.83
C ASP C 78 -2.95 25.07 7.15
N GLU C 79 -2.84 25.41 8.43
CA GLU C 79 -2.31 26.74 8.82
C GLU C 79 -0.89 26.98 8.30
N VAL C 80 -0.01 26.00 8.49
CA VAL C 80 1.37 26.08 7.99
C VAL C 80 1.36 26.16 6.45
N ALA C 81 0.60 25.26 5.82
CA ALA C 81 0.52 25.20 4.37
C ALA C 81 0.10 26.54 3.73
N ASP C 82 -0.91 27.18 4.31
CA ASP C 82 -1.39 28.48 3.81
C ASP C 82 -0.33 29.56 3.90
N LEU C 83 0.42 29.56 5.00
CA LEU C 83 1.50 30.52 5.16
C LEU C 83 2.68 30.27 4.21
N VAL C 84 3.01 29.00 4.03
CA VAL C 84 4.12 28.63 3.15
C VAL C 84 3.82 29.07 1.72
N ALA C 85 2.58 28.85 1.29
CA ALA C 85 2.14 29.25 -0.06
C ALA C 85 2.22 30.76 -0.36
N SER C 86 2.20 31.60 0.68
CA SER C 86 2.23 33.06 0.46
C SER C 86 3.57 33.60 -0.02
N HIS C 87 4.66 32.84 0.17
CA HIS C 87 6.01 33.29 -0.19
C HIS C 87 6.75 32.20 -0.99
N THR C 88 6.21 31.87 -2.16
CA THR C 88 6.82 30.88 -3.06
C THR C 88 6.92 31.49 -4.44
N GLU C 89 8.14 31.56 -4.97
CA GLU C 89 8.41 32.19 -6.25
C GLU C 89 8.14 31.30 -7.48
N ASN C 90 7.62 31.92 -8.55
CA ASN C 90 7.38 31.24 -9.82
C ASN C 90 8.72 31.19 -10.58
N LYS C 91 9.31 30.00 -10.56
CA LYS C 91 10.64 29.74 -11.13
C LYS C 91 10.73 29.96 -12.64
N THR C 92 9.60 30.00 -13.34
CA THR C 92 9.61 30.23 -14.79
C THR C 92 9.88 31.71 -15.16
N LEU C 93 9.53 32.64 -14.28
CA LEU C 93 9.77 34.07 -14.50
C LEU C 93 11.22 34.39 -14.23
N SER C 94 11.71 35.50 -14.78
CA SER C 94 13.08 35.95 -14.53
C SER C 94 13.28 36.32 -13.05
N TRP C 95 14.53 36.37 -12.63
CA TRP C 95 14.88 36.73 -11.27
C TRP C 95 14.25 38.07 -10.87
N GLU C 96 14.45 39.09 -11.73
CA GLU C 96 13.89 40.41 -11.48
C GLU C 96 12.36 40.39 -11.38
N GLU C 97 11.72 39.64 -12.25
CA GLU C 97 10.27 39.55 -12.17
C GLU C 97 9.88 38.90 -10.84
N ARG C 98 10.55 37.82 -10.47
CA ARG C 98 10.26 37.15 -9.19
C ARG C 98 10.44 38.09 -8.01
N LYS C 99 11.58 38.77 -7.96
CA LYS C 99 11.82 39.68 -6.86
C LYS C 99 10.85 40.86 -6.83
N ALA C 100 10.49 41.40 -8.01
CA ALA C 100 9.56 42.53 -8.06
C ALA C 100 8.22 42.13 -7.47
N HIS C 101 7.83 40.91 -7.76
CA HIS C 101 6.59 40.37 -7.23
C HIS C 101 6.66 40.23 -5.68
N THR C 102 7.82 39.80 -5.16
CA THR C 102 8.02 39.69 -3.71
C THR C 102 7.93 41.08 -3.05
N ILE C 103 8.51 42.09 -3.71
CA ILE C 103 8.45 43.47 -3.24
C ILE C 103 6.99 43.94 -3.12
N GLU C 104 6.17 43.58 -4.12
CA GLU C 104 4.77 43.97 -4.09
C GLU C 104 4.03 43.15 -3.01
N GLN C 105 4.40 41.88 -2.83
CA GLN C 105 3.79 41.06 -1.78
C GLN C 105 4.05 41.59 -0.37
N VAL C 106 5.27 42.08 -0.13
CA VAL C 106 5.57 42.59 1.20
C VAL C 106 4.81 43.90 1.41
N ARG C 107 4.44 44.57 0.31
CA ARG C 107 3.69 45.82 0.44
C ARG C 107 2.25 45.55 0.87
N THR C 108 1.61 44.62 0.20
CA THR C 108 0.19 44.36 0.41
C THR C 108 -0.19 43.16 1.30
N GLY C 109 0.75 42.35 1.77
CA GLY C 109 0.37 41.19 2.59
C GLY C 109 -0.03 41.56 4.01
N ASN C 110 -0.63 40.61 4.76
CA ASN C 110 -0.96 40.85 6.16
C ASN C 110 0.36 40.82 6.95
N LEU C 111 0.28 41.07 8.24
CA LEU C 111 1.46 41.18 9.09
C LEU C 111 2.33 39.91 9.09
N GLU C 112 1.67 38.76 9.15
CA GLU C 112 2.37 37.49 9.15
C GLU C 112 3.12 37.22 7.83
N GLU C 113 2.47 37.57 6.71
CA GLU C 113 3.05 37.39 5.39
C GLU C 113 4.26 38.33 5.25
N LYS C 114 4.11 39.55 5.71
CA LYS C 114 5.21 40.55 5.69
C LYS C 114 6.40 40.04 6.52
N ALA C 115 6.08 39.54 7.71
CA ALA C 115 7.11 39.05 8.65
C ALA C 115 7.92 37.91 8.05
N LEU C 116 7.25 36.99 7.36
CA LEU C 116 7.94 35.87 6.73
C LEU C 116 8.97 36.32 5.73
N ILE C 117 8.62 37.32 4.92
CA ILE C 117 9.53 37.81 3.92
C ILE C 117 10.70 38.53 4.59
N VAL C 118 10.40 39.41 5.55
CA VAL C 118 11.45 40.21 6.18
C VAL C 118 12.43 39.38 7.01
N ALA C 119 11.92 38.37 7.71
CA ALA C 119 12.77 37.48 8.52
C ALA C 119 13.80 36.75 7.65
N ASP C 120 13.32 36.26 6.51
CA ASP C 120 14.18 35.60 5.50
C ASP C 120 15.32 36.59 5.07
N LYS C 121 14.95 37.81 4.72
CA LYS C 121 15.97 38.78 4.27
CA LYS C 121 15.96 38.82 4.29
C LYS C 121 16.91 39.24 5.41
N LEU C 122 16.37 39.34 6.63
CA LEU C 122 17.19 39.74 7.76
C LEU C 122 18.29 38.68 8.03
N ASP C 123 17.89 37.41 7.99
CA ASP C 123 18.83 36.31 8.19
C ASP C 123 19.95 36.37 7.11
N ASN C 124 19.54 36.51 5.85
N ASN C 124 19.53 36.52 5.85
CA ASN C 124 20.49 36.63 4.75
CA ASN C 124 20.46 36.63 4.72
C ASN C 124 21.49 37.76 4.98
C ASN C 124 21.48 37.77 4.91
N LEU C 125 20.99 38.98 5.20
CA LEU C 125 21.88 40.14 5.42
C LEU C 125 22.76 40.03 6.69
N THR C 126 22.29 39.31 7.69
CA THR C 126 23.07 39.10 8.90
C THR C 126 24.35 38.38 8.53
N SER C 127 24.22 37.35 7.69
CA SER C 127 25.37 36.63 7.20
C SER C 127 26.30 37.48 6.35
N VAL C 128 25.73 38.25 5.44
CA VAL C 128 26.53 39.12 4.56
C VAL C 128 27.33 40.09 5.42
N LYS C 129 26.68 40.71 6.40
CA LYS C 129 27.36 41.69 7.25
C LYS C 129 28.54 41.09 8.00
N TYR C 130 28.40 39.86 8.48
CA TYR C 130 29.48 39.23 9.21
C TYR C 130 30.64 38.92 8.26
N ALA C 131 30.32 38.37 7.09
CA ALA C 131 31.33 38.06 6.07
C ALA C 131 32.08 39.34 5.66
N LEU C 132 31.34 40.40 5.39
CA LEU C 132 31.94 41.67 4.99
C LEU C 132 32.86 42.25 6.10
N SER C 133 32.54 41.98 7.36
CA SER C 133 33.35 42.43 8.50
C SER C 133 34.49 41.45 8.85
N SER C 134 34.34 40.20 8.47
CA SER C 134 35.35 39.16 8.73
C SER C 134 35.18 37.95 7.81
N PHE C 143 28.00 39.19 -3.48
CA PHE C 143 26.54 39.25 -3.56
C PHE C 143 26.04 38.40 -4.71
N LYS C 144 24.93 37.70 -4.48
CA LYS C 144 24.32 36.88 -5.52
C LYS C 144 23.65 37.82 -6.54
N ARG C 145 23.97 37.64 -7.82
CA ARG C 145 23.39 38.43 -8.90
C ARG C 145 24.01 39.85 -9.00
N GLY C 146 24.93 40.19 -8.11
CA GLY C 146 25.59 41.51 -8.13
C GLY C 146 25.07 42.51 -7.11
N TYR C 147 25.92 43.46 -6.77
CA TYR C 147 25.62 44.49 -5.77
C TYR C 147 24.41 45.32 -6.12
N ASP C 148 24.35 45.80 -7.38
CA ASP C 148 23.25 46.68 -7.80
C ASP C 148 21.89 45.98 -7.69
N LEU C 149 21.82 44.71 -8.06
CA LEU C 149 20.56 43.97 -7.99
C LEU C 149 20.17 43.66 -6.54
N GLN C 150 21.14 43.31 -5.71
CA GLN C 150 20.86 43.05 -4.29
C GLN C 150 20.39 44.31 -3.56
N LYS C 151 21.00 45.43 -3.91
CA LYS C 151 20.61 46.73 -3.38
C LYS C 151 19.17 47.06 -3.79
N TRP C 152 18.88 46.91 -5.06
CA TRP C 152 17.54 47.19 -5.57
C TRP C 152 16.52 46.36 -4.80
N TYR C 153 16.81 45.07 -4.68
CA TYR C 153 15.87 44.12 -4.04
C TYR C 153 15.63 44.42 -2.56
N ASN C 154 16.71 44.55 -1.81
CA ASN C 154 16.61 44.82 -0.37
C ASN C 154 16.02 46.21 -0.08
N GLN C 155 16.37 47.23 -0.88
CA GLN C 155 15.77 48.55 -0.69
C GLN C 155 14.28 48.48 -0.94
N GLY C 156 13.88 47.69 -1.96
CA GLY C 156 12.46 47.47 -2.27
C GLY C 156 11.68 46.87 -1.11
N ILE C 157 12.25 45.83 -0.49
CA ILE C 157 11.63 45.22 0.69
C ILE C 157 11.52 46.26 1.82
N LYS C 158 12.64 46.91 2.15
CA LYS C 158 12.67 47.90 3.20
CA LYS C 158 12.70 47.93 3.19
C LYS C 158 11.64 49.02 3.01
N ASN C 159 11.57 49.55 1.78
CA ASN C 159 10.68 50.67 1.46
C ASN C 159 9.20 50.33 1.39
N ASN C 160 8.86 49.03 1.37
CA ASN C 160 7.46 48.60 1.28
C ASN C 160 6.95 47.78 2.47
N MSE C 161 7.84 47.28 3.32
CA MSE C 161 7.46 46.44 4.46
C MSE C 161 6.52 47.06 5.48
O MSE C 161 5.75 46.37 6.11
CB MSE C 161 8.68 45.88 5.17
CG MSE C 161 9.51 46.97 5.83
SE MSE C 161 11.11 46.11 6.55
CE MSE C 161 11.87 47.72 7.35
N GLU C 162 6.61 48.38 5.66
CA GLU C 162 5.75 49.08 6.63
C GLU C 162 4.40 49.49 6.07
N TYR C 163 4.17 49.32 4.77
CA TYR C 163 2.92 49.77 4.17
C TYR C 163 1.69 49.10 4.77
N GLY C 164 0.74 49.95 5.18
CA GLY C 164 -0.53 49.51 5.73
C GLY C 164 -0.51 49.11 7.19
N LEU C 165 0.61 49.35 7.87
CA LEU C 165 0.72 48.98 9.27
C LEU C 165 0.81 50.21 10.17
N ASN C 166 0.28 50.08 11.38
CA ASN C 166 0.37 51.12 12.38
C ASN C 166 1.76 50.99 12.99
N PRO C 167 2.40 52.11 13.36
CA PRO C 167 3.72 52.05 13.99
C PRO C 167 3.84 51.07 15.16
N SER C 168 2.78 50.95 15.95
CA SER C 168 2.80 50.05 17.11
C SER C 168 2.82 48.56 16.72
N GLU C 169 2.40 48.22 15.50
CA GLU C 169 2.41 46.82 15.01
C GLU C 169 3.75 46.38 14.40
N ILE C 170 4.64 47.32 14.08
CA ILE C 170 5.87 46.94 13.40
C ILE C 170 6.83 46.19 14.32
N PRO C 171 7.12 44.92 13.99
CA PRO C 171 8.07 44.17 14.80
C PRO C 171 9.42 44.88 14.84
N PRO C 172 10.07 44.90 16.02
CA PRO C 172 11.39 45.52 16.10
C PRO C 172 12.40 44.93 15.10
N PHE C 173 12.24 43.64 14.71
CA PHE C 173 13.22 43.08 13.77
C PHE C 173 13.13 43.71 12.37
N PHE C 174 11.98 44.30 12.01
CA PHE C 174 11.88 45.06 10.77
C PHE C 174 12.89 46.21 10.83
N ASP C 175 13.05 46.83 12.00
CA ASP C 175 14.05 47.92 12.18
C ASP C 175 15.47 47.43 12.12
N GLU C 176 15.73 46.23 12.63
CA GLU C 176 17.07 45.66 12.55
C GLU C 176 17.41 45.47 11.08
N TYR C 177 16.44 44.96 10.32
CA TYR C 177 16.64 44.75 8.89
C TYR C 177 16.93 46.05 8.14
N ALA C 178 16.15 47.10 8.41
CA ALA C 178 16.35 48.41 7.75
C ALA C 178 17.75 48.91 8.00
N ARG C 179 18.24 48.74 9.21
CA ARG C 179 19.60 49.21 9.54
C ARG C 179 20.64 48.39 8.79
N LEU C 180 20.40 47.10 8.61
CA LEU C 180 21.36 46.29 7.86
C LEU C 180 21.40 46.71 6.39
N VAL C 181 20.22 46.95 5.80
CA VAL C 181 20.13 47.40 4.41
C VAL C 181 20.96 48.70 4.22
N LYS C 182 20.75 49.63 5.12
CA LYS C 182 21.45 50.92 5.13
C LYS C 182 22.99 50.75 5.28
N TRP C 183 23.44 49.87 6.16
CA TRP C 183 24.89 49.71 6.39
C TRP C 183 25.54 49.00 5.18
N ILE C 184 24.93 47.92 4.72
CA ILE C 184 25.47 47.14 3.62
C ILE C 184 25.44 47.85 2.27
N PHE C 185 24.33 48.52 1.96
CA PHE C 185 24.19 49.16 0.67
C PHE C 185 24.37 50.66 0.73
N LYS C 186 25.31 51.13 1.53
CA LYS C 186 25.51 52.59 1.63
C LYS C 186 26.17 53.17 0.36
N LYS C 187 26.98 52.37 -0.34
CA LYS C 187 27.60 52.79 -1.61
C LYS C 187 26.53 52.91 -2.73
N SER D 34 -22.89 -25.56 -15.17
CA SER D 34 -21.74 -24.61 -15.22
C SER D 34 -20.96 -24.72 -16.52
N HIS D 35 -20.99 -23.65 -17.32
CA HIS D 35 -20.24 -23.62 -18.57
C HIS D 35 -18.72 -23.75 -18.30
N PRO D 36 -18.18 -22.96 -17.36
CA PRO D 36 -16.74 -23.06 -17.13
C PRO D 36 -16.26 -24.48 -16.78
N LEU D 37 -16.96 -25.16 -15.89
CA LEU D 37 -16.60 -26.52 -15.50
C LEU D 37 -16.72 -27.52 -16.66
N ASN D 38 -17.71 -27.27 -17.53
CA ASN D 38 -17.92 -28.10 -18.70
C ASN D 38 -16.74 -27.96 -19.65
N VAL D 39 -16.28 -26.73 -19.86
CA VAL D 39 -15.13 -26.48 -20.73
C VAL D 39 -13.88 -27.15 -20.14
N ALA D 40 -13.70 -27.04 -18.81
CA ALA D 40 -12.56 -27.67 -18.14
C ALA D 40 -12.58 -29.18 -18.34
N ARG D 41 -13.76 -29.77 -18.20
CA ARG D 41 -13.94 -31.23 -18.37
C ARG D 41 -13.64 -31.67 -19.82
N ILE D 42 -14.05 -30.88 -20.80
CA ILE D 42 -13.75 -31.17 -22.21
C ILE D 42 -12.24 -31.18 -22.46
N LEU D 43 -11.56 -30.16 -21.98
CA LEU D 43 -10.13 -30.04 -22.19
C LEU D 43 -9.33 -31.13 -21.44
N ARG D 44 -9.77 -31.44 -20.21
CA ARG D 44 -9.10 -32.45 -19.40
C ARG D 44 -9.27 -33.83 -20.00
N ARG D 45 -10.48 -34.18 -20.41
CA ARG D 45 -10.72 -35.48 -21.05
C ARG D 45 -9.90 -35.61 -22.34
N ALA D 46 -9.66 -34.50 -23.04
CA ALA D 46 -8.88 -34.55 -24.29
C ALA D 46 -7.36 -34.60 -24.05
N GLY D 47 -6.94 -34.58 -22.78
CA GLY D 47 -5.53 -34.77 -22.43
C GLY D 47 -4.65 -33.55 -22.36
N PHE D 48 -5.24 -32.36 -22.36
CA PHE D 48 -4.42 -31.13 -22.28
C PHE D 48 -3.89 -30.88 -20.90
N ARG D 49 -2.73 -30.25 -20.84
CA ARG D 49 -2.10 -29.96 -19.55
C ARG D 49 -3.01 -29.01 -18.70
N GLU D 50 -2.75 -28.99 -17.40
CA GLU D 50 -3.59 -28.20 -16.49
C GLU D 50 -3.67 -26.71 -16.76
N GLU D 51 -2.59 -26.09 -17.23
CA GLU D 51 -2.66 -24.68 -17.55
C GLU D 51 -3.68 -24.35 -18.65
N VAL D 52 -3.87 -25.28 -19.58
CA VAL D 52 -4.83 -25.13 -20.67
C VAL D 52 -6.26 -25.31 -20.10
N VAL D 53 -6.41 -26.30 -19.23
CA VAL D 53 -7.68 -26.59 -18.57
C VAL D 53 -8.14 -25.39 -17.76
N VAL D 54 -7.20 -24.78 -17.05
CA VAL D 54 -7.48 -23.64 -16.22
C VAL D 54 -7.80 -22.41 -17.10
N ALA D 55 -7.04 -22.20 -18.17
CA ALA D 55 -7.32 -21.08 -19.07
C ALA D 55 -8.77 -21.19 -19.61
N GLY D 56 -9.19 -22.41 -19.91
CA GLY D 56 -10.57 -22.64 -20.40
C GLY D 56 -11.58 -22.28 -19.31
N LEU D 57 -11.31 -22.75 -18.11
CA LEU D 57 -12.14 -22.48 -16.96
C LEU D 57 -12.25 -20.99 -16.64
N LEU D 58 -11.19 -20.24 -16.88
CA LEU D 58 -11.15 -18.81 -16.55
C LEU D 58 -11.64 -17.84 -17.61
N HIS D 59 -11.82 -18.31 -18.84
CA HIS D 59 -12.20 -17.43 -19.96
C HIS D 59 -13.37 -16.44 -19.68
N ASP D 60 -14.55 -16.97 -19.35
CA ASP D 60 -15.72 -16.13 -19.07
C ASP D 60 -15.46 -15.15 -17.92
N ALA D 61 -14.88 -15.64 -16.82
CA ALA D 61 -14.60 -14.82 -15.65
C ALA D 61 -13.70 -13.64 -15.99
N VAL D 62 -12.65 -13.89 -16.78
CA VAL D 62 -11.70 -12.84 -17.20
C VAL D 62 -12.37 -11.79 -18.05
N GLU D 63 -13.18 -12.22 -19.00
CA GLU D 63 -13.86 -11.27 -19.87
C GLU D 63 -15.02 -10.53 -19.17
N ASP D 64 -15.75 -11.22 -18.30
CA ASP D 64 -16.84 -10.63 -17.52
C ASP D 64 -16.29 -9.52 -16.62
N THR D 65 -15.19 -9.80 -15.91
CA THR D 65 -14.57 -8.84 -15.00
C THR D 65 -13.52 -7.96 -15.65
N GLU D 66 -13.17 -8.22 -16.91
CA GLU D 66 -12.10 -7.48 -17.60
C GLU D 66 -10.82 -7.44 -16.77
N MSE D 67 -10.41 -8.62 -16.29
CA MSE D 67 -9.20 -8.78 -15.49
C MSE D 67 -8.01 -8.52 -16.39
O MSE D 67 -7.98 -8.99 -17.52
CB MSE D 67 -9.12 -10.20 -14.92
CG MSE D 67 -8.26 -10.26 -13.66
SE MSE D 67 -8.07 -12.14 -13.07
CE MSE D 67 -8.03 -11.86 -11.13
N THR D 68 -7.04 -7.79 -15.89
CA THR D 68 -5.86 -7.43 -16.67
C THR D 68 -4.87 -8.58 -16.74
N ASP D 69 -4.08 -8.59 -17.81
CA ASP D 69 -3.02 -9.58 -17.95
C ASP D 69 -2.10 -9.55 -16.73
N ALA D 70 -1.82 -8.36 -16.21
CA ALA D 70 -0.95 -8.23 -15.04
C ALA D 70 -1.51 -9.02 -13.85
N ASP D 71 -2.82 -8.86 -13.60
CA ASP D 71 -3.50 -9.60 -12.52
C ASP D 71 -3.52 -11.11 -12.77
N ILE D 72 -3.86 -11.51 -13.98
CA ILE D 72 -3.90 -12.95 -14.33
C ILE D 72 -2.52 -13.58 -14.13
N ARG D 73 -1.52 -12.92 -14.70
CA ARG D 73 -0.11 -13.33 -14.62
C ARG D 73 0.40 -13.39 -13.14
N ALA D 74 0.08 -12.37 -12.35
CA ALA D 74 0.47 -12.34 -10.92
C ALA D 74 -0.22 -13.42 -10.07
N THR D 75 -1.47 -13.70 -10.40
CA THR D 75 -2.26 -14.63 -9.64
C THR D 75 -2.01 -16.10 -10.04
N PHE D 76 -2.14 -16.38 -11.33
CA PHE D 76 -2.08 -17.75 -11.87
C PHE D 76 -0.78 -18.20 -12.53
N GLY D 77 0.11 -17.26 -12.84
CA GLY D 77 1.37 -17.60 -13.46
C GLY D 77 1.40 -17.29 -14.95
N ASP D 78 2.62 -17.29 -15.49
CA ASP D 78 2.87 -16.99 -16.90
C ASP D 78 2.20 -17.97 -17.89
N GLU D 79 2.30 -19.26 -17.63
CA GLU D 79 1.73 -20.24 -18.55
C GLU D 79 0.22 -19.97 -18.74
N VAL D 80 -0.54 -19.87 -17.65
CA VAL D 80 -1.98 -19.59 -17.73
C VAL D 80 -2.23 -18.25 -18.43
N ALA D 81 -1.49 -17.21 -18.01
CA ALA D 81 -1.64 -15.88 -18.58
C ALA D 81 -1.48 -15.82 -20.10
N ASP D 82 -0.47 -16.51 -20.64
CA ASP D 82 -0.23 -16.53 -22.10
C ASP D 82 -1.40 -17.21 -22.83
N LEU D 83 -1.92 -18.28 -22.26
CA LEU D 83 -3.04 -18.97 -22.88
C LEU D 83 -4.34 -18.15 -22.85
N VAL D 84 -4.64 -17.54 -21.71
CA VAL D 84 -5.86 -16.73 -21.58
C VAL D 84 -5.86 -15.58 -22.59
N ALA D 85 -4.72 -14.93 -22.73
CA ALA D 85 -4.55 -13.79 -23.63
C ALA D 85 -4.69 -14.11 -25.14
N SER D 86 -4.70 -15.39 -25.51
CA SER D 86 -4.85 -15.78 -26.92
C SER D 86 -6.31 -15.77 -27.41
N HIS D 87 -7.25 -15.86 -26.47
CA HIS D 87 -8.68 -15.91 -26.81
C HIS D 87 -9.42 -14.82 -26.03
N THR D 88 -9.40 -13.63 -26.60
CA THR D 88 -10.04 -12.46 -26.00
C THR D 88 -10.61 -11.61 -27.12
N GLU D 89 -11.69 -10.89 -26.83
CA GLU D 89 -12.33 -10.02 -27.81
C GLU D 89 -12.10 -8.53 -27.50
N ASN D 90 -11.98 -7.74 -28.57
CA ASN D 90 -11.90 -6.30 -28.46
C ASN D 90 -13.34 -5.79 -28.49
N LYS D 91 -13.88 -5.50 -27.31
CA LYS D 91 -15.26 -5.05 -27.16
C LYS D 91 -15.64 -3.76 -27.89
N THR D 92 -14.67 -2.97 -28.35
CA THR D 92 -14.98 -1.75 -29.12
C THR D 92 -15.41 -2.09 -30.56
N LEU D 93 -15.01 -3.24 -31.08
CA LEU D 93 -15.36 -3.63 -32.44
C LEU D 93 -16.77 -4.19 -32.47
N SER D 94 -17.38 -4.24 -33.66
CA SER D 94 -18.71 -4.84 -33.80
C SER D 94 -18.66 -6.34 -33.51
N TRP D 95 -19.81 -6.94 -33.26
CA TRP D 95 -19.89 -8.37 -33.00
C TRP D 95 -19.24 -9.16 -34.15
N GLU D 96 -19.62 -8.83 -35.38
CA GLU D 96 -19.06 -9.53 -36.54
C GLU D 96 -17.57 -9.38 -36.68
N GLU D 97 -17.05 -8.20 -36.39
CA GLU D 97 -15.60 -8.01 -36.47
C GLU D 97 -14.88 -8.85 -35.40
N ARG D 98 -15.40 -8.86 -34.18
CA ARG D 98 -14.86 -9.68 -33.08
C ARG D 98 -14.85 -11.17 -33.41
N LYS D 99 -15.98 -11.66 -33.87
CA LYS D 99 -16.14 -13.06 -34.26
C LYS D 99 -15.23 -13.42 -35.44
N ALA D 100 -15.13 -12.55 -36.46
CA ALA D 100 -14.27 -12.85 -37.61
C ALA D 100 -12.82 -12.97 -37.17
N HIS D 101 -12.44 -12.16 -36.20
CA HIS D 101 -11.09 -12.20 -35.66
C HIS D 101 -10.85 -13.54 -34.93
N THR D 102 -11.84 -14.04 -34.19
CA THR D 102 -11.74 -15.32 -33.49
C THR D 102 -11.59 -16.48 -34.50
N ILE D 103 -12.32 -16.39 -35.63
CA ILE D 103 -12.24 -17.37 -36.72
C ILE D 103 -10.81 -17.42 -37.30
N GLU D 104 -10.21 -16.24 -37.46
CA GLU D 104 -8.84 -16.18 -37.93
C GLU D 104 -7.89 -16.76 -36.85
N GLN D 105 -8.12 -16.43 -35.58
CA GLN D 105 -7.28 -16.96 -34.49
C GLN D 105 -7.36 -18.48 -34.37
N VAL D 106 -8.53 -19.07 -34.61
CA VAL D 106 -8.59 -20.52 -34.55
C VAL D 106 -7.85 -21.14 -35.77
N ARG D 107 -7.76 -20.39 -36.86
CA ARG D 107 -7.05 -20.90 -38.04
C ARG D 107 -5.55 -20.97 -37.80
N THR D 108 -5.00 -19.91 -37.23
CA THR D 108 -3.55 -19.76 -37.11
C THR D 108 -2.89 -20.06 -35.77
N GLY D 109 -3.66 -20.28 -34.69
CA GLY D 109 -3.05 -20.52 -33.39
C GLY D 109 -2.43 -21.89 -33.29
N ASN D 110 -1.71 -22.13 -32.21
CA ASN D 110 -1.15 -23.46 -32.00
C ASN D 110 -2.28 -24.37 -31.51
N LEU D 111 -1.96 -25.64 -31.30
CA LEU D 111 -2.97 -26.66 -30.91
C LEU D 111 -3.74 -26.27 -29.62
N GLU D 112 -3.02 -25.79 -28.62
CA GLU D 112 -3.62 -25.44 -27.34
C GLU D 112 -4.55 -24.22 -27.47
N GLU D 113 -4.15 -23.24 -28.28
CA GLU D 113 -4.94 -22.05 -28.52
C GLU D 113 -6.22 -22.40 -29.29
N LYS D 114 -6.09 -23.31 -30.25
CA LYS D 114 -7.24 -23.78 -31.03
C LYS D 114 -8.21 -24.51 -30.12
N ALA D 115 -7.64 -25.35 -29.25
CA ALA D 115 -8.46 -26.14 -28.32
C ALA D 115 -9.30 -25.28 -27.36
N LEU D 116 -8.73 -24.19 -26.86
CA LEU D 116 -9.49 -23.28 -25.99
C LEU D 116 -10.72 -22.72 -26.68
N ILE D 117 -10.55 -22.30 -27.93
CA ILE D 117 -11.64 -21.73 -28.69
C ILE D 117 -12.72 -22.80 -28.97
N VAL D 118 -12.30 -23.95 -29.47
CA VAL D 118 -13.25 -25.01 -29.82
C VAL D 118 -14.00 -25.57 -28.61
N ALA D 119 -13.30 -25.73 -27.49
CA ALA D 119 -13.96 -26.24 -26.29
C ALA D 119 -15.09 -25.30 -25.81
N ASP D 120 -14.81 -24.00 -25.84
CA ASP D 120 -15.78 -22.95 -25.51
C ASP D 120 -17.02 -23.03 -26.42
N LYS D 121 -16.79 -23.12 -27.73
CA LYS D 121 -17.88 -23.23 -28.71
C LYS D 121 -18.70 -24.49 -28.59
N LEU D 122 -17.99 -25.61 -28.33
CA LEU D 122 -18.63 -26.91 -28.22
C LEU D 122 -19.60 -26.94 -27.03
N ASP D 123 -19.15 -26.43 -25.88
CA ASP D 123 -20.03 -26.40 -24.73
C ASP D 123 -21.22 -25.46 -25.01
N ASN D 124 -20.96 -24.27 -25.56
CA ASN D 124 -22.05 -23.34 -25.91
C ASN D 124 -23.08 -24.02 -26.85
N LEU D 125 -22.60 -24.68 -27.89
CA LEU D 125 -23.49 -25.32 -28.86
C LEU D 125 -24.21 -26.55 -28.27
N THR D 126 -23.60 -27.22 -27.28
CA THR D 126 -24.22 -28.34 -26.61
C THR D 126 -25.46 -27.87 -25.82
N SER D 127 -25.37 -26.69 -25.21
CA SER D 127 -26.52 -26.10 -24.51
C SER D 127 -27.63 -25.77 -25.50
N VAL D 128 -27.27 -25.25 -26.67
CA VAL D 128 -28.24 -24.95 -27.73
C VAL D 128 -28.92 -26.26 -28.17
N LYS D 129 -28.15 -27.33 -28.28
CA LYS D 129 -28.69 -28.65 -28.66
C LYS D 129 -29.75 -29.08 -27.65
N TYR D 130 -29.47 -28.98 -26.35
CA TYR D 130 -30.46 -29.37 -25.33
C TYR D 130 -31.72 -28.50 -25.44
N ALA D 131 -31.53 -27.20 -25.60
CA ALA D 131 -32.64 -26.26 -25.72
C ALA D 131 -33.52 -26.59 -26.92
N LEU D 132 -32.89 -26.93 -28.05
CA LEU D 132 -33.65 -27.28 -29.26
C LEU D 132 -34.54 -28.50 -29.07
N SER D 133 -34.20 -29.37 -28.13
CA SER D 133 -35.05 -30.54 -27.83
C SER D 133 -36.08 -30.26 -26.70
N SER D 134 -36.37 -28.98 -26.46
CA SER D 134 -37.36 -28.54 -25.47
C SER D 134 -38.31 -27.56 -26.15
N GLU D 135 -37.80 -26.38 -26.51
CA GLU D 135 -38.58 -25.37 -27.23
C GLU D 135 -38.16 -25.45 -28.70
N GLY D 136 -38.47 -26.60 -29.30
CA GLY D 136 -38.12 -26.97 -30.68
C GLY D 136 -38.09 -25.93 -31.79
N LYS D 137 -36.89 -25.70 -32.32
CA LYS D 137 -36.64 -24.82 -33.48
C LYS D 137 -36.94 -23.32 -33.30
N SER D 138 -37.49 -22.93 -32.15
CA SER D 138 -37.84 -21.53 -31.86
C SER D 138 -36.80 -20.81 -31.00
N VAL D 139 -35.85 -21.57 -30.44
CA VAL D 139 -34.79 -21.02 -29.56
C VAL D 139 -34.00 -19.88 -30.22
N TRP D 140 -33.98 -19.85 -31.55
CA TRP D 140 -33.25 -18.83 -32.30
C TRP D 140 -33.77 -17.40 -32.13
N SER D 141 -34.96 -17.25 -31.55
CA SER D 141 -35.54 -15.92 -31.27
C SER D 141 -35.04 -15.35 -29.92
N TYR D 142 -34.72 -16.25 -28.99
CA TYR D 142 -34.19 -15.85 -27.67
C TYR D 142 -32.79 -15.21 -27.79
N PHE D 143 -32.07 -15.52 -28.87
CA PHE D 143 -30.74 -14.97 -29.13
C PHE D 143 -30.76 -13.54 -29.68
N LYS D 144 -29.77 -12.74 -29.28
CA LYS D 144 -29.60 -11.39 -29.81
C LYS D 144 -29.25 -11.50 -31.30
N ARG D 145 -28.34 -12.43 -31.61
CA ARG D 145 -27.89 -12.71 -32.97
C ARG D 145 -28.57 -14.01 -33.37
N GLY D 146 -29.41 -13.96 -34.39
CA GLY D 146 -30.19 -15.12 -34.80
C GLY D 146 -29.44 -16.28 -35.46
N TYR D 147 -30.23 -17.13 -36.07
CA TYR D 147 -29.76 -18.32 -36.73
C TYR D 147 -28.66 -18.06 -37.74
N ASP D 148 -28.87 -17.09 -38.63
CA ASP D 148 -27.90 -16.82 -39.70
C ASP D 148 -26.49 -16.42 -39.19
N LEU D 149 -26.45 -15.57 -38.17
CA LEU D 149 -25.17 -15.14 -37.61
C LEU D 149 -24.47 -16.24 -36.81
N GLN D 150 -25.24 -17.04 -36.07
CA GLN D 150 -24.67 -18.16 -35.30
C GLN D 150 -24.17 -19.22 -36.24
N LYS D 151 -24.90 -19.42 -37.34
CA LYS D 151 -24.49 -20.37 -38.36
C LYS D 151 -23.15 -19.92 -38.95
N TRP D 152 -23.09 -18.66 -39.32
CA TRP D 152 -21.86 -18.10 -39.90
C TRP D 152 -20.66 -18.28 -38.98
N TYR D 153 -20.85 -17.92 -37.73
CA TYR D 153 -19.78 -18.00 -36.73
C TYR D 153 -19.29 -19.42 -36.46
N ASN D 154 -20.23 -20.32 -36.18
CA ASN D 154 -19.87 -21.72 -35.89
C ASN D 154 -19.25 -22.42 -37.12
N GLN D 155 -19.78 -22.18 -38.32
CA GLN D 155 -19.20 -22.75 -39.54
C GLN D 155 -17.78 -22.21 -39.75
N GLY D 156 -17.57 -20.94 -39.39
CA GLY D 156 -16.23 -20.32 -39.50
C GLY D 156 -15.22 -21.05 -38.61
N ILE D 157 -15.60 -21.30 -37.36
CA ILE D 157 -14.73 -22.03 -36.44
C ILE D 157 -14.45 -23.44 -36.99
N LYS D 158 -15.50 -24.17 -37.32
CA LYS D 158 -15.35 -25.52 -37.86
C LYS D 158 -14.44 -25.61 -39.07
N ASN D 159 -14.61 -24.71 -40.02
CA ASN D 159 -13.86 -24.73 -41.28
C ASN D 159 -12.42 -24.25 -41.16
N ASN D 160 -12.06 -23.77 -40.00
CA ASN D 160 -10.71 -23.29 -39.79
C ASN D 160 -9.93 -23.97 -38.68
N MSE D 161 -10.62 -24.62 -37.77
CA MSE D 161 -9.99 -25.26 -36.59
C MSE D 161 -8.87 -26.24 -36.89
O MSE D 161 -7.92 -26.33 -36.12
CB MSE D 161 -11.03 -25.92 -35.67
CG MSE D 161 -11.78 -27.05 -36.33
SE MSE D 161 -13.18 -27.55 -35.07
CE MSE D 161 -13.94 -29.00 -36.15
N GLU D 162 -8.95 -26.96 -38.01
CA GLU D 162 -7.93 -27.96 -38.34
C GLU D 162 -6.74 -27.43 -39.13
N TYR D 163 -6.82 -26.19 -39.62
CA TYR D 163 -5.74 -25.66 -40.44
C TYR D 163 -4.42 -25.72 -39.69
N GLY D 164 -3.41 -26.25 -40.38
CA GLY D 164 -2.07 -26.35 -39.85
C GLY D 164 -1.79 -27.53 -38.91
N LEU D 165 -2.80 -28.34 -38.60
CA LEU D 165 -2.60 -29.47 -37.70
C LEU D 165 -2.42 -30.77 -38.43
N ASN D 166 -1.59 -31.64 -37.88
CA ASN D 166 -1.44 -32.99 -38.39
C ASN D 166 -2.72 -33.76 -38.01
N PRO D 167 -3.18 -34.66 -38.88
CA PRO D 167 -4.43 -35.37 -38.55
C PRO D 167 -4.46 -36.04 -37.16
N SER D 168 -3.38 -36.68 -36.76
CA SER D 168 -3.35 -37.38 -35.48
C SER D 168 -3.41 -36.46 -34.24
N GLU D 169 -3.09 -35.18 -34.39
CA GLU D 169 -3.13 -34.26 -33.26
C GLU D 169 -4.47 -33.49 -33.11
N ILE D 170 -5.40 -33.69 -34.06
CA ILE D 170 -6.72 -33.06 -33.98
C ILE D 170 -7.48 -33.77 -32.86
N PRO D 171 -7.85 -33.05 -31.79
CA PRO D 171 -8.55 -33.74 -30.70
C PRO D 171 -9.91 -34.29 -31.10
N PRO D 172 -10.28 -35.46 -30.57
CA PRO D 172 -11.60 -36.00 -30.88
C PRO D 172 -12.77 -35.04 -30.65
N PHE D 173 -12.68 -34.14 -29.66
CA PHE D 173 -13.80 -33.23 -29.44
C PHE D 173 -13.99 -32.22 -30.58
N PHE D 174 -12.96 -32.00 -31.41
CA PHE D 174 -13.12 -31.14 -32.59
C PHE D 174 -14.07 -31.83 -33.55
N ASP D 175 -13.92 -33.15 -33.71
CA ASP D 175 -14.79 -33.97 -34.59
C ASP D 175 -16.23 -33.91 -34.08
N GLU D 176 -16.38 -33.96 -32.76
CA GLU D 176 -17.69 -33.87 -32.12
C GLU D 176 -18.34 -32.53 -32.43
N TYR D 177 -17.57 -31.47 -32.30
CA TYR D 177 -18.07 -30.14 -32.61
C TYR D 177 -18.46 -30.03 -34.10
N ALA D 178 -17.61 -30.51 -35.00
CA ALA D 178 -17.93 -30.46 -36.46
C ALA D 178 -19.28 -31.09 -36.74
N ARG D 179 -19.47 -32.28 -36.21
CA ARG D 179 -20.72 -32.99 -36.40
C ARG D 179 -21.90 -32.19 -35.87
N LEU D 180 -21.73 -31.58 -34.70
CA LEU D 180 -22.80 -30.82 -34.07
C LEU D 180 -23.14 -29.58 -34.90
N VAL D 181 -22.11 -28.89 -35.40
CA VAL D 181 -22.36 -27.75 -36.29
C VAL D 181 -23.13 -28.19 -37.56
N LYS D 182 -22.70 -29.27 -38.21
CA LYS D 182 -23.36 -29.74 -39.44
C LYS D 182 -24.83 -30.08 -39.20
N TRP D 183 -25.10 -30.70 -38.04
CA TRP D 183 -26.45 -31.07 -37.64
C TRP D 183 -27.35 -29.88 -37.31
N ILE D 184 -26.89 -29.03 -36.39
CA ILE D 184 -27.66 -27.88 -35.94
C ILE D 184 -27.91 -26.83 -37.02
N PHE D 185 -27.00 -26.70 -37.99
CA PHE D 185 -27.16 -25.69 -39.02
C PHE D 185 -27.38 -26.27 -40.41
N LYS D 186 -27.99 -27.45 -40.51
CA LYS D 186 -28.25 -28.05 -41.82
C LYS D 186 -29.21 -27.25 -42.69
N LYS D 187 -30.16 -26.53 -42.09
CA LYS D 187 -31.03 -25.64 -42.88
C LYS D 187 -30.35 -24.28 -43.13
NA NA E . 11.28 10.17 2.70
CAC FLC F . 2.54 -13.74 5.99
CA FLC F . 2.06 -14.80 5.02
CB FLC F . 0.58 -15.14 5.23
CBC FLC F . -0.24 -13.87 5.02
CG FLC F . 0.08 -16.22 4.27
CGC FLC F . -1.37 -16.58 4.57
OA1 FLC F . 3.35 -12.88 5.58
OA2 FLC F . 2.15 -13.73 7.18
OB1 FLC F . -0.21 -13.31 3.89
OB2 FLC F . -0.93 -13.45 5.96
OG1 FLC F . -2.30 -15.89 4.08
OG2 FLC F . -1.61 -17.55 5.31
OHB FLC F . 0.43 -15.62 6.58
NA NA G . -11.13 -9.02 -4.38
#